data_6ZN7
#
_entry.id   6ZN7
#
_cell.length_a   47.817
_cell.length_b   92.192
_cell.length_c   95.796
_cell.angle_alpha   90.000
_cell.angle_beta   91.130
_cell.angle_gamma   90.000
#
_symmetry.space_group_name_H-M   'P 1 21 1'
#
loop_
_entity.id
_entity.type
_entity.pdbx_description
1 polymer 'NADP-dependent malate dehydrogenase,Malate dehydrogenase'
2 non-polymer 'MAGNESIUM ION'
3 non-polymer 'NADP NICOTINAMIDE-ADENINE-DINUCLEOTIDE PHOSPHATE'
4 water water
#
_entity_poly.entity_id   1
_entity_poly.type   'polypeptide(L)'
_entity_poly.pdbx_seq_one_letter_code
;MGSSHHHHHHSMDNKTETKIEPKTGTTNFDQEALLYHQQGKPGKIEVISSKPCATEKDLSLAYSPGVAAPCKAIAKDPAK
VYDYTAKGNLVAVISNGTAVLGLGNIGPAAGKPVMEGKGILFKQFAGIDVFDIEVAATDVDVFCNAVRVLEPTFGGINLE
DIKAPECFEIEERLKKEMNIPVFHDDQHGTAIVSGAALLNACSITNRKMETVRIVVNGAGASANSCAKIFIALGARRENI
IMCDSQGVIYKGRTAGMNKYKEYFASETEARTLTEALRGADVFVGLSVAGALTPEMLKDMAKDPIIFAMANPEPEITPDK
ARAARPDAIIATGRSDYPNQVNNVLGFPSIFRGALDTRSTQINEEMKLAAVHALAKLAREDVPDKVSATYGGKSFKFGRD
YLIPKPFDTRVLLWVAPEVAKAAMKSGVATRAIEDWDQYRESLEA
;
_entity_poly.pdbx_strand_id   A,B
#
loop_
_chem_comp.id
_chem_comp.type
_chem_comp.name
_chem_comp.formula
MG non-polymer 'MAGNESIUM ION' 'Mg 2'
NAP non-polymer 'NADP NICOTINAMIDE-ADENINE-DINUCLEOTIDE PHOSPHATE' 'C21 H28 N7 O17 P3'
#
# COMPACT_ATOMS: atom_id res chain seq x y z
N THR A 27 14.05 27.98 -10.97
CA THR A 27 15.41 27.71 -10.53
C THR A 27 15.93 26.42 -11.14
N ASN A 28 17.24 26.33 -11.29
CA ASN A 28 17.88 25.10 -11.76
C ASN A 28 17.54 23.93 -10.84
N PHE A 29 17.39 24.23 -9.56
CA PHE A 29 17.16 23.20 -8.56
C PHE A 29 15.80 22.54 -8.77
N ASP A 30 14.78 23.33 -9.09
CA ASP A 30 13.46 22.78 -9.40
C ASP A 30 13.55 21.83 -10.59
N GLN A 31 14.27 22.28 -11.63
CA GLN A 31 14.46 21.47 -12.82
C GLN A 31 15.19 20.18 -12.46
N GLU A 32 16.17 20.30 -11.57
CA GLU A 32 16.90 19.12 -11.10
C GLU A 32 15.94 18.19 -10.35
N ALA A 33 15.11 18.76 -9.50
CA ALA A 33 14.13 17.99 -8.76
C ALA A 33 13.15 17.29 -9.69
N LEU A 34 12.63 18.00 -10.69
CA LEU A 34 11.69 17.37 -11.61
C LEU A 34 12.32 16.18 -12.35
N LEU A 35 13.55 16.35 -12.85
CA LEU A 35 14.24 15.29 -13.59
C LEU A 35 14.52 14.09 -12.69
N TYR A 36 14.88 14.37 -11.44
CA TYR A 36 15.11 13.32 -10.46
C TYR A 36 13.89 12.39 -10.32
N HIS A 37 12.71 13.00 -10.25
CA HIS A 37 11.45 12.26 -10.15
C HIS A 37 11.02 11.61 -11.46
N GLN A 38 11.28 12.28 -12.57
CA GLN A 38 10.77 11.82 -13.87
C GLN A 38 11.66 10.79 -14.56
N GLN A 39 12.97 10.92 -14.37
CA GLN A 39 13.97 10.06 -15.03
C GLN A 39 13.92 8.62 -14.56
N GLY A 40 14.53 7.72 -15.34
CA GLY A 40 14.54 6.31 -15.00
C GLY A 40 13.15 5.77 -14.73
N LYS A 41 13.00 5.04 -13.64
CA LYS A 41 11.68 4.58 -13.24
C LYS A 41 10.96 5.79 -12.64
N PRO A 42 9.79 6.18 -13.21
CA PRO A 42 9.11 7.37 -12.68
C PRO A 42 8.82 7.23 -11.19
N GLY A 43 8.90 8.33 -10.44
CA GLY A 43 8.72 8.24 -9.01
C GLY A 43 9.98 7.76 -8.30
N LYS A 44 9.83 7.37 -7.05
CA LYS A 44 11.01 7.12 -6.21
C LYS A 44 11.03 5.74 -5.56
N ILE A 45 9.99 4.96 -5.76
CA ILE A 45 9.89 3.66 -5.07
C ILE A 45 9.65 2.53 -6.02
N GLU A 46 10.07 1.34 -5.59
CA GLU A 46 9.85 0.12 -6.33
C GLU A 46 9.50 -0.94 -5.29
N VAL A 47 8.64 -1.90 -5.62
CA VAL A 47 8.40 -3.01 -4.69
C VAL A 47 9.10 -4.25 -5.23
N ILE A 48 9.93 -4.90 -4.42
CA ILE A 48 10.65 -6.07 -4.90
C ILE A 48 10.41 -7.26 -4.01
N SER A 49 10.73 -8.43 -4.52
CA SER A 49 10.65 -9.63 -3.71
C SER A 49 11.87 -9.73 -2.81
N SER A 50 11.67 -10.15 -1.57
CA SER A 50 12.75 -10.37 -0.65
C SER A 50 13.18 -11.84 -0.67
N LYS A 51 12.50 -12.65 -1.46
CA LYS A 51 12.78 -14.07 -1.57
C LYS A 51 12.94 -14.50 -3.01
N PRO A 52 13.57 -15.62 -3.23
CA PRO A 52 13.75 -16.16 -4.57
C PRO A 52 12.40 -16.35 -5.26
N CYS A 53 12.27 -15.92 -6.50
CA CYS A 53 10.96 -15.99 -7.16
C CYS A 53 11.09 -16.14 -8.68
N ALA A 54 12.10 -16.89 -9.11
CA ALA A 54 12.43 -17.06 -10.51
C ALA A 54 11.97 -18.40 -11.09
N THR A 55 11.79 -19.41 -10.25
CA THR A 55 11.49 -20.75 -10.74
C THR A 55 10.09 -21.24 -10.36
N GLU A 56 9.66 -22.28 -11.04
CA GLU A 56 8.39 -22.93 -10.72
C GLU A 56 8.36 -23.30 -9.24
N LYS A 57 9.45 -23.90 -8.76
CA LYS A 57 9.56 -24.27 -7.36
C LYS A 57 9.44 -23.05 -6.44
N ASP A 58 10.21 -21.99 -6.72
CA ASP A 58 10.13 -20.74 -5.94
C ASP A 58 8.68 -20.29 -5.83
N LEU A 59 8.00 -20.27 -6.97
CA LEU A 59 6.67 -19.68 -7.05
C LEU A 59 5.63 -20.62 -6.47
N SER A 60 6.00 -21.89 -6.30
CA SER A 60 5.09 -22.84 -5.68
C SER A 60 5.06 -22.63 -4.17
N LEU A 61 6.05 -21.90 -3.65
CA LEU A 61 6.05 -21.49 -2.26
C LEU A 61 5.54 -20.07 -2.10
N ALA A 62 5.96 -19.17 -2.98
CA ALA A 62 5.51 -17.77 -2.90
C ALA A 62 4.02 -17.65 -3.18
N TYR A 63 3.50 -18.54 -4.02
CA TYR A 63 2.08 -18.47 -4.35
C TYR A 63 1.54 -19.90 -4.27
N SER A 64 0.46 -20.21 -4.97
CA SER A 64 -0.17 -21.52 -4.80
CA SER A 64 -0.18 -21.51 -4.84
C SER A 64 0.73 -22.64 -5.32
N PRO A 65 0.68 -23.80 -4.65
CA PRO A 65 -0.15 -24.17 -3.51
C PRO A 65 0.48 -23.86 -2.13
N GLY A 66 1.78 -23.63 -2.10
CA GLY A 66 2.49 -23.49 -0.84
C GLY A 66 2.10 -22.31 0.02
N VAL A 67 1.69 -21.22 -0.62
CA VAL A 67 1.34 -20.03 0.14
C VAL A 67 0.14 -20.30 1.06
N ALA A 68 -0.60 -21.39 0.81
CA ALA A 68 -1.72 -21.70 1.72
C ALA A 68 -1.24 -21.96 3.14
N ALA A 69 -0.03 -22.53 3.30
CA ALA A 69 0.46 -22.90 4.62
C ALA A 69 0.51 -21.74 5.63
N PRO A 70 1.22 -20.63 5.30
CA PRO A 70 1.19 -19.49 6.21
C PRO A 70 -0.20 -18.91 6.44
N CYS A 71 -1.06 -18.92 5.42
CA CYS A 71 -2.44 -18.44 5.59
C CYS A 71 -3.17 -19.26 6.63
N LYS A 72 -2.98 -20.58 6.58
CA LYS A 72 -3.66 -21.43 7.54
C LYS A 72 -3.11 -21.21 8.94
N ALA A 73 -1.79 -21.00 9.02
CA ALA A 73 -1.16 -20.75 10.31
C ALA A 73 -1.70 -19.47 10.93
N ILE A 74 -1.88 -18.45 10.10
CA ILE A 74 -2.36 -17.15 10.58
C ILE A 74 -3.84 -17.21 10.96
N ALA A 75 -4.63 -17.96 10.18
CA ALA A 75 -6.06 -18.13 10.51
C ALA A 75 -6.21 -18.73 11.90
N LYS A 76 -5.33 -19.67 12.24
CA LYS A 76 -5.38 -20.35 13.53
C LYS A 76 -4.81 -19.48 14.65
N ASP A 77 -3.72 -18.80 14.36
CA ASP A 77 -3.09 -17.91 15.32
CA ASP A 77 -3.07 -17.91 15.31
C ASP A 77 -2.76 -16.56 14.67
N PRO A 78 -3.69 -15.60 14.80
CA PRO A 78 -3.59 -14.29 14.14
C PRO A 78 -2.24 -13.59 14.30
N ALA A 79 -1.59 -13.73 15.45
CA ALA A 79 -0.31 -13.07 15.70
C ALA A 79 0.76 -13.47 14.69
N LYS A 80 0.61 -14.66 14.10
CA LYS A 80 1.59 -15.14 13.14
C LYS A 80 1.64 -14.32 11.84
N VAL A 81 0.72 -13.37 11.66
CA VAL A 81 0.80 -12.49 10.49
C VAL A 81 2.15 -11.76 10.55
N TYR A 82 2.66 -11.53 11.75
CA TYR A 82 3.94 -10.84 11.90
C TYR A 82 5.15 -11.72 11.56
N ASP A 83 4.98 -13.04 11.59
CA ASP A 83 6.05 -13.97 11.27
C ASP A 83 6.21 -14.26 9.78
N TYR A 84 5.10 -14.18 9.05
CA TYR A 84 5.04 -14.70 7.68
C TYR A 84 4.76 -13.65 6.59
N THR A 85 4.57 -12.39 7.00
CA THR A 85 4.32 -11.30 6.06
C THR A 85 5.20 -10.12 6.41
N ALA A 86 5.13 -9.05 5.63
CA ALA A 86 5.95 -7.88 5.91
C ALA A 86 5.33 -6.94 6.95
N LYS A 87 4.18 -7.30 7.52
CA LYS A 87 3.44 -6.42 8.45
C LYS A 87 4.33 -5.77 9.51
N GLY A 88 5.20 -6.58 10.13
CA GLY A 88 6.06 -6.13 11.21
C GLY A 88 7.19 -5.18 10.82
N ASN A 89 7.29 -4.86 9.54
CA ASN A 89 8.26 -3.87 9.09
C ASN A 89 7.63 -2.87 8.15
N LEU A 90 6.30 -2.81 8.16
CA LEU A 90 5.57 -2.05 7.15
C LEU A 90 4.72 -0.96 7.76
N VAL A 91 5.02 0.27 7.39
CA VAL A 91 4.28 1.43 7.85
C VAL A 91 3.59 2.06 6.65
N ALA A 92 2.33 2.44 6.85
CA ALA A 92 1.61 3.26 5.88
C ALA A 92 1.87 4.74 6.18
N VAL A 93 2.35 5.47 5.20
CA VAL A 93 2.41 6.92 5.28
C VAL A 93 1.17 7.41 4.57
N ILE A 94 0.23 7.96 5.33
CA ILE A 94 -1.09 8.23 4.78
C ILE A 94 -1.40 9.71 4.87
N SER A 95 -1.84 10.28 3.76
CA SER A 95 -2.22 11.71 3.71
C SER A 95 -3.41 11.94 2.82
N ASN A 96 -4.18 13.00 3.08
CA ASN A 96 -5.16 13.41 2.08
C ASN A 96 -4.70 14.66 1.33
N GLY A 97 -3.43 15.02 1.57
CA GLY A 97 -2.80 16.13 0.89
C GLY A 97 -3.38 17.49 1.27
N THR A 98 -3.92 17.63 2.48
CA THR A 98 -4.51 18.93 2.84
C THR A 98 -3.54 19.92 3.47
N ALA A 99 -2.35 19.47 3.87
CA ALA A 99 -1.31 20.39 4.36
C ALA A 99 0.07 19.87 3.94
N VAL A 100 0.35 19.93 2.65
CA VAL A 100 1.56 19.32 2.12
C VAL A 100 2.71 20.29 2.24
N LEU A 101 3.71 19.89 3.03
CA LEU A 101 4.85 20.76 3.29
C LEU A 101 4.32 22.12 3.69
N GLY A 102 4.80 23.16 3.02
CA GLY A 102 4.29 24.50 3.21
C GLY A 102 3.46 24.92 2.02
N LEU A 103 3.00 23.93 1.25
CA LEU A 103 2.22 24.17 0.03
C LEU A 103 0.72 24.25 0.30
N GLY A 104 0.30 23.84 1.49
CA GLY A 104 -1.11 23.86 1.84
C GLY A 104 -1.94 22.77 1.19
N ASN A 105 -3.19 23.10 0.89
CA ASN A 105 -4.15 22.08 0.50
C ASN A 105 -4.13 21.84 -1.01
N ILE A 106 -3.27 20.92 -1.44
CA ILE A 106 -3.07 20.70 -2.86
C ILE A 106 -3.71 19.41 -3.33
N GLY A 107 -4.16 18.59 -2.40
CA GLY A 107 -4.89 17.38 -2.74
C GLY A 107 -4.01 16.15 -2.75
N PRO A 108 -4.64 14.98 -2.78
CA PRO A 108 -3.90 13.75 -2.47
C PRO A 108 -2.89 13.39 -3.55
N ALA A 109 -3.25 13.50 -4.83
CA ALA A 109 -2.32 13.14 -5.91
C ALA A 109 -1.08 14.03 -5.91
N ALA A 110 -1.29 15.34 -5.74
CA ALA A 110 -0.17 16.28 -5.74
C ALA A 110 0.75 16.08 -4.53
N GLY A 111 0.22 15.54 -3.45
CA GLY A 111 1.05 15.18 -2.32
C GLY A 111 1.81 13.86 -2.42
N LYS A 112 1.51 13.06 -3.44
CA LYS A 112 2.14 11.73 -3.56
C LYS A 112 3.69 11.75 -3.58
N PRO A 113 4.32 12.72 -4.28
CA PRO A 113 5.79 12.77 -4.26
C PRO A 113 6.34 12.95 -2.86
N VAL A 114 5.65 13.75 -2.05
CA VAL A 114 6.06 13.95 -0.66
C VAL A 114 5.89 12.69 0.18
N MET A 115 4.80 11.94 -0.04
CA MET A 115 4.61 10.71 0.74
C MET A 115 5.58 9.61 0.31
N GLU A 116 5.89 9.52 -0.99
CA GLU A 116 6.93 8.59 -1.43
C GLU A 116 8.29 8.95 -0.79
N GLY A 117 8.57 10.25 -0.73
CA GLY A 117 9.81 10.73 -0.14
C GLY A 117 9.86 10.50 1.37
N LYS A 118 8.73 10.67 2.04
CA LYS A 118 8.66 10.34 3.46
C LYS A 118 9.00 8.86 3.65
N GLY A 119 8.45 8.00 2.79
CA GLY A 119 8.73 6.57 2.84
C GLY A 119 10.21 6.27 2.66
N ILE A 120 10.85 7.00 1.76
CA ILE A 120 12.29 6.89 1.57
C ILE A 120 13.04 7.16 2.89
N LEU A 121 12.62 8.18 3.63
CA LEU A 121 13.25 8.49 4.91
C LEU A 121 13.07 7.37 5.91
N PHE A 122 11.87 6.79 5.95
CA PHE A 122 11.62 5.66 6.81
C PHE A 122 12.59 4.52 6.52
N LYS A 123 12.80 4.27 5.23
CA LYS A 123 13.66 3.18 4.82
C LYS A 123 15.13 3.47 5.11
N GLN A 124 15.59 4.65 4.74
CA GLN A 124 16.98 5.00 4.88
C GLN A 124 17.41 5.19 6.34
N PHE A 125 16.52 5.69 7.19
CA PHE A 125 16.90 5.97 8.58
C PHE A 125 16.53 4.87 9.58
N ALA A 126 15.52 4.05 9.26
CA ALA A 126 15.10 3.02 10.19
C ALA A 126 14.96 1.64 9.55
N GLY A 127 15.21 1.55 8.24
CA GLY A 127 15.08 0.27 7.55
C GLY A 127 13.63 -0.20 7.47
N ILE A 128 12.71 0.73 7.61
CA ILE A 128 11.27 0.44 7.56
C ILE A 128 10.71 0.54 6.14
N ASP A 129 9.94 -0.47 5.73
CA ASP A 129 9.22 -0.41 4.45
C ASP A 129 7.97 0.44 4.56
N VAL A 130 7.70 1.25 3.53
CA VAL A 130 6.50 2.06 3.51
C VAL A 130 5.65 1.88 2.25
N PHE A 131 4.35 1.71 2.45
CA PHE A 131 3.38 2.01 1.39
C PHE A 131 2.87 3.42 1.62
N ASP A 132 3.05 4.29 0.64
CA ASP A 132 2.46 5.63 0.71
C ASP A 132 1.04 5.54 0.19
N ILE A 133 0.09 6.05 0.96
CA ILE A 133 -1.31 5.94 0.64
C ILE A 133 -1.90 7.34 0.61
N GLU A 134 -2.28 7.80 -0.59
CA GLU A 134 -2.92 9.11 -0.75
C GLU A 134 -4.42 8.90 -0.86
N VAL A 135 -5.16 9.57 0.02
CA VAL A 135 -6.57 9.30 0.24
C VAL A 135 -7.40 10.52 -0.17
N ALA A 136 -8.36 10.31 -1.08
CA ALA A 136 -9.25 11.39 -1.53
C ALA A 136 -10.44 11.52 -0.60
N ALA A 137 -10.19 11.92 0.64
CA ALA A 137 -11.27 12.22 1.58
C ALA A 137 -10.81 13.34 2.50
N THR A 138 -11.57 14.43 2.55
CA THR A 138 -11.28 15.52 3.48
C THR A 138 -12.18 15.52 4.70
N ASP A 139 -13.36 14.92 4.58
CA ASP A 139 -14.25 14.78 5.74
C ASP A 139 -13.60 13.85 6.77
N VAL A 140 -13.55 14.29 8.03
CA VAL A 140 -12.87 13.49 9.04
C VAL A 140 -13.45 12.08 9.12
N ASP A 141 -14.78 11.99 9.08
CA ASP A 141 -15.45 10.71 9.24
C ASP A 141 -15.13 9.75 8.09
N VAL A 142 -15.28 10.22 6.86
CA VAL A 142 -15.00 9.40 5.68
C VAL A 142 -13.54 8.94 5.66
N PHE A 143 -12.62 9.86 5.96
CA PHE A 143 -11.20 9.53 5.95
C PHE A 143 -10.92 8.44 6.96
N CYS A 144 -11.45 8.61 8.17
CA CYS A 144 -11.19 7.63 9.20
C CYS A 144 -11.76 6.26 8.86
N ASN A 145 -12.96 6.26 8.29
CA ASN A 145 -13.61 4.99 7.99
C ASN A 145 -12.91 4.26 6.85
N ALA A 146 -12.23 5.01 5.98
CA ALA A 146 -11.45 4.38 4.91
C ALA A 146 -10.15 3.83 5.44
N VAL A 147 -9.51 4.55 6.36
CA VAL A 147 -8.17 4.20 6.80
C VAL A 147 -8.19 3.09 7.83
N ARG A 148 -9.16 3.11 8.76
CA ARG A 148 -9.10 2.11 9.82
C ARG A 148 -9.29 0.68 9.36
N VAL A 149 -10.00 0.46 8.26
CA VAL A 149 -10.12 -0.92 7.76
C VAL A 149 -8.84 -1.42 7.04
N LEU A 150 -7.84 -0.57 6.89
CA LEU A 150 -6.58 -1.03 6.30
C LEU A 150 -5.69 -1.71 7.33
N GLU A 151 -6.13 -1.68 8.59
CA GLU A 151 -5.33 -2.21 9.70
C GLU A 151 -4.61 -3.55 9.44
N PRO A 152 -5.28 -4.54 8.81
CA PRO A 152 -4.59 -5.84 8.68
C PRO A 152 -3.30 -5.74 7.88
N THR A 153 -3.25 -4.79 6.95
CA THR A 153 -2.08 -4.60 6.08
C THR A 153 -0.80 -4.18 6.79
N PHE A 154 -0.95 -3.39 7.85
CA PHE A 154 0.17 -2.60 8.36
C PHE A 154 0.59 -2.84 9.79
N GLY A 155 1.86 -2.55 10.05
CA GLY A 155 2.42 -2.63 11.38
C GLY A 155 2.19 -1.34 12.13
N GLY A 156 1.96 -0.26 11.38
CA GLY A 156 1.76 1.03 11.99
C GLY A 156 1.35 2.01 10.93
N ILE A 157 0.73 3.11 11.36
CA ILE A 157 0.25 4.17 10.49
C ILE A 157 0.93 5.49 10.84
N ASN A 158 1.63 6.08 9.88
CA ASN A 158 2.15 7.45 10.04
C ASN A 158 1.26 8.39 9.23
N LEU A 159 0.39 9.11 9.93
CA LEU A 159 -0.37 10.18 9.30
C LEU A 159 0.58 11.33 8.98
N GLU A 160 0.35 11.97 7.84
CA GLU A 160 1.27 12.99 7.34
C GLU A 160 0.53 14.09 6.60
N ASP A 161 0.91 15.33 6.84
CA ASP A 161 0.44 16.46 6.01
C ASP A 161 -1.08 16.54 5.86
N ILE A 162 -1.76 16.47 7.00
CA ILE A 162 -3.20 16.63 7.10
C ILE A 162 -3.43 17.89 7.90
N LYS A 163 -4.25 18.79 7.38
CA LYS A 163 -4.40 20.09 8.02
C LYS A 163 -5.08 20.04 9.39
N ALA A 164 -4.74 21.01 10.23
CA ALA A 164 -5.44 21.24 11.49
C ALA A 164 -6.68 22.11 11.23
N PRO A 165 -7.75 21.89 12.01
CA PRO A 165 -7.86 21.01 13.17
C PRO A 165 -8.32 19.60 12.86
N GLU A 166 -8.64 19.32 11.59
CA GLU A 166 -9.05 17.99 11.18
C GLU A 166 -8.06 16.92 11.63
N CYS A 167 -6.76 17.23 11.57
CA CYS A 167 -5.75 16.24 11.92
C CYS A 167 -5.85 15.79 13.39
N PHE A 168 -6.29 16.69 14.27
CA PHE A 168 -6.45 16.33 15.67
C PHE A 168 -7.55 15.29 15.80
N GLU A 169 -8.68 15.59 15.17
CA GLU A 169 -9.85 14.72 15.25
C GLU A 169 -9.53 13.37 14.60
N ILE A 170 -8.84 13.40 13.47
CA ILE A 170 -8.51 12.17 12.73
C ILE A 170 -7.57 11.29 13.54
N GLU A 171 -6.52 11.88 14.10
CA GLU A 171 -5.58 11.05 14.85
C GLU A 171 -6.26 10.49 16.10
N GLU A 172 -7.11 11.30 16.70
CA GLU A 172 -7.80 10.91 17.90
C GLU A 172 -8.74 9.73 17.64
N ARG A 173 -9.50 9.86 16.58
CA ARG A 173 -10.41 8.83 16.23
C ARG A 173 -9.71 7.54 15.81
N LEU A 174 -8.65 7.63 15.03
CA LEU A 174 -7.98 6.42 14.62
C LEU A 174 -7.31 5.69 15.77
N LYS A 175 -6.80 6.44 16.72
CA LYS A 175 -6.17 5.84 17.88
C LYS A 175 -7.19 5.09 18.69
N LYS A 176 -8.40 5.60 18.76
CA LYS A 176 -9.48 4.90 19.44
C LYS A 176 -9.95 3.63 18.69
N GLU A 177 -9.88 3.65 17.37
CA GLU A 177 -10.45 2.54 16.59
C GLU A 177 -9.45 1.44 16.28
N MET A 178 -8.20 1.81 16.08
CA MET A 178 -7.25 0.85 15.51
C MET A 178 -6.38 0.23 16.59
N ASN A 179 -5.94 -1.00 16.34
CA ASN A 179 -5.10 -1.71 17.29
C ASN A 179 -3.65 -1.82 16.84
N ILE A 180 -3.23 -0.90 15.99
CA ILE A 180 -1.83 -0.71 15.64
C ILE A 180 -1.52 0.75 15.90
N PRO A 181 -0.24 1.08 16.04
CA PRO A 181 0.17 2.47 16.26
C PRO A 181 -0.34 3.42 15.18
N VAL A 182 -0.83 4.57 15.62
CA VAL A 182 -1.27 5.63 14.72
C VAL A 182 -0.58 6.88 15.24
N PHE A 183 0.17 7.55 14.39
CA PHE A 183 1.06 8.63 14.83
C PHE A 183 1.11 9.71 13.76
N HIS A 184 0.67 10.92 14.09
CA HIS A 184 0.74 12.00 13.09
C HIS A 184 2.03 12.78 13.27
N ASP A 185 2.99 12.60 12.35
CA ASP A 185 4.34 13.12 12.56
C ASP A 185 4.36 14.65 12.65
N ASP A 186 3.55 15.31 11.83
CA ASP A 186 3.50 16.77 11.89
C ASP A 186 3.16 17.25 13.29
N GLN A 187 2.31 16.51 13.98
CA GLN A 187 1.94 16.90 15.34
C GLN A 187 3.06 16.62 16.35
N HIS A 188 3.50 15.37 16.41
CA HIS A 188 4.29 14.91 17.56
C HIS A 188 5.79 14.80 17.29
N GLY A 189 6.18 14.81 16.02
CA GLY A 189 7.59 14.71 15.67
C GLY A 189 8.38 15.91 16.12
N THR A 190 7.84 17.11 15.85
CA THR A 190 8.48 18.34 16.26
C THR A 190 8.43 18.50 17.77
N ALA A 191 7.32 18.08 18.39
CA ALA A 191 7.21 18.11 19.85
C ALA A 191 8.30 17.28 20.52
N ILE A 192 8.56 16.10 19.96
CA ILE A 192 9.55 15.20 20.53
C ILE A 192 10.96 15.76 20.41
N VAL A 193 11.32 16.21 19.21
CA VAL A 193 12.68 16.68 18.97
C VAL A 193 12.92 18.03 19.65
N SER A 194 11.93 18.93 19.61
CA SER A 194 12.10 20.23 20.26
C SER A 194 12.09 20.06 21.77
N GLY A 195 11.36 19.05 22.25
CA GLY A 195 11.36 18.74 23.66
C GLY A 195 12.71 18.25 24.17
N ALA A 196 13.38 17.44 23.35
CA ALA A 196 14.75 17.01 23.68
C ALA A 196 15.70 18.19 23.71
N ALA A 197 15.56 19.06 22.71
CA ALA A 197 16.38 20.26 22.63
C ALA A 197 16.13 21.16 23.83
N LEU A 198 14.86 21.29 24.22
CA LEU A 198 14.48 22.13 25.34
C LEU A 198 15.02 21.61 26.66
N LEU A 199 14.92 20.29 26.88
CA LEU A 199 15.48 19.72 28.11
C LEU A 199 16.96 20.04 28.25
N ASN A 200 17.69 19.92 27.14
CA ASN A 200 19.11 20.16 27.17
C ASN A 200 19.43 21.64 27.36
N ALA A 201 18.59 22.49 26.77
CA ALA A 201 18.76 23.93 26.89
C ALA A 201 18.54 24.38 28.33
N CYS A 202 17.55 23.79 28.98
CA CYS A 202 17.26 24.09 30.37
C CYS A 202 18.41 23.62 31.25
N SER A 203 18.93 22.45 30.93
CA SER A 203 20.04 21.88 31.68
C SER A 203 21.26 22.81 31.61
N ILE A 204 21.55 23.26 30.40
CA ILE A 204 22.69 24.14 30.16
C ILE A 204 22.56 25.45 30.92
N THR A 205 21.33 25.99 30.99
CA THR A 205 21.12 27.28 31.62
C THR A 205 20.61 27.14 33.06
N ASN A 206 20.80 25.97 33.64
CA ASN A 206 20.47 25.71 35.02
C ASN A 206 19.00 25.94 35.32
N ARG A 207 18.13 25.49 34.43
CA ARG A 207 16.70 25.69 34.59
C ARG A 207 15.99 24.42 35.00
N LYS A 208 14.84 24.57 35.64
CA LYS A 208 13.95 23.46 35.95
C LYS A 208 12.64 23.62 35.17
N MET A 209 12.20 22.55 34.53
CA MET A 209 11.01 22.62 33.68
C MET A 209 9.77 23.14 34.43
N GLU A 210 9.73 22.93 35.74
CA GLU A 210 8.52 23.27 36.51
C GLU A 210 8.36 24.78 36.70
N THR A 211 9.41 25.55 36.46
CA THR A 211 9.35 27.00 36.64
C THR A 211 9.63 27.78 35.36
N VAL A 212 9.91 27.06 34.27
CA VAL A 212 10.20 27.72 33.01
C VAL A 212 8.94 28.35 32.42
N ARG A 213 9.05 29.61 32.01
CA ARG A 213 7.93 30.28 31.37
C ARG A 213 8.10 30.17 29.85
N ILE A 214 7.10 29.60 29.19
CA ILE A 214 7.19 29.35 27.75
C ILE A 214 6.14 30.11 26.96
N VAL A 215 6.57 30.66 25.84
CA VAL A 215 5.65 31.28 24.89
C VAL A 215 5.69 30.53 23.56
N VAL A 216 4.56 29.95 23.18
CA VAL A 216 4.46 29.25 21.92
C VAL A 216 3.79 30.17 20.92
N ASN A 217 4.48 30.50 19.84
CA ASN A 217 3.89 31.35 18.82
C ASN A 217 3.35 30.49 17.69
N GLY A 218 2.03 30.44 17.57
CA GLY A 218 1.40 29.52 16.64
C GLY A 218 0.56 28.51 17.43
N ALA A 219 -0.52 28.04 16.82
CA ALA A 219 -1.41 27.13 17.51
C ALA A 219 -1.95 26.08 16.55
N GLY A 220 -1.11 25.72 15.57
CA GLY A 220 -1.49 24.74 14.58
C GLY A 220 -1.15 23.32 14.96
N ALA A 221 -0.93 22.49 13.95
CA ALA A 221 -0.70 21.06 14.15
C ALA A 221 0.47 20.76 15.08
N SER A 222 1.56 21.44 14.87
CA SER A 222 2.71 21.13 15.66
C SER A 222 2.79 21.82 16.97
N ALA A 223 2.22 23.01 17.03
CA ALA A 223 2.30 23.80 18.23
C ALA A 223 1.60 23.20 19.40
N ASN A 224 0.45 22.67 19.16
CA ASN A 224 -0.34 22.09 20.18
C ASN A 224 0.34 20.90 20.88
N SER A 225 1.00 20.09 20.11
CA SER A 225 1.66 18.92 20.63
C SER A 225 2.91 19.34 21.46
N CYS A 226 3.63 20.31 20.92
CA CYS A 226 4.79 20.85 21.62
C CYS A 226 4.43 21.24 23.06
N ALA A 227 3.41 22.07 23.21
CA ALA A 227 2.97 22.50 24.54
C ALA A 227 2.64 21.30 25.42
N LYS A 228 1.97 20.29 24.85
CA LYS A 228 1.59 19.11 25.61
C LYS A 228 2.81 18.29 26.05
N ILE A 229 3.81 18.21 25.19
CA ILE A 229 5.06 17.50 25.54
C ILE A 229 5.81 18.24 26.66
N PHE A 230 5.81 19.57 26.60
CA PHE A 230 6.48 20.34 27.63
C PHE A 230 5.86 20.08 29.00
N ILE A 231 4.54 20.01 29.05
CA ILE A 231 3.86 19.75 30.32
C ILE A 231 4.20 18.35 30.82
N ALA A 232 4.33 17.43 29.87
CA ALA A 232 4.71 16.06 30.17
C ALA A 232 6.15 15.99 30.67
N LEU A 233 6.97 16.93 30.22
CA LEU A 233 8.37 16.97 30.64
C LEU A 233 8.51 17.73 31.97
N GLY A 234 7.39 18.21 32.50
CA GLY A 234 7.40 18.84 33.81
C GLY A 234 7.01 20.30 33.84
N ALA A 235 6.82 20.90 32.67
CA ALA A 235 6.37 22.29 32.60
C ALA A 235 4.96 22.40 33.15
N ARG A 236 4.68 23.51 33.80
CA ARG A 236 3.33 23.74 34.33
C ARG A 236 2.49 24.45 33.28
N ARG A 237 1.24 24.03 33.15
CA ARG A 237 0.39 24.61 32.13
C ARG A 237 0.23 26.12 32.33
N GLU A 238 0.25 26.59 33.57
CA GLU A 238 0.09 28.01 33.87
C GLU A 238 1.30 28.85 33.41
N ASN A 239 2.43 28.19 33.21
CA ASN A 239 3.64 28.88 32.77
C ASN A 239 3.78 28.92 31.25
N ILE A 240 2.73 28.47 30.56
CA ILE A 240 2.72 28.43 29.10
C ILE A 240 1.70 29.41 28.51
N ILE A 241 2.18 30.34 27.71
CA ILE A 241 1.28 31.17 26.91
C ILE A 241 1.37 30.82 25.43
N MET A 242 0.22 30.57 24.82
CA MET A 242 0.16 30.29 23.39
C MET A 242 -0.42 31.48 22.65
N CYS A 243 0.22 31.87 21.55
CA CYS A 243 -0.28 32.96 20.71
C CYS A 243 -0.60 32.45 19.32
N ASP A 244 -1.53 33.11 18.64
CA ASP A 244 -1.83 32.78 17.27
C ASP A 244 -1.90 34.05 16.43
N SER A 245 -2.57 33.96 15.28
CA SER A 245 -2.61 35.08 14.34
C SER A 245 -3.32 36.29 14.91
N GLN A 246 -4.04 36.11 16.02
CA GLN A 246 -4.75 37.22 16.63
C GLN A 246 -4.18 37.59 18.00
N GLY A 247 -2.98 37.08 18.29
CA GLY A 247 -2.32 37.39 19.53
C GLY A 247 -2.49 36.29 20.56
N VAL A 248 -2.35 36.65 21.83
CA VAL A 248 -2.46 35.69 22.92
C VAL A 248 -3.81 34.99 22.92
N ILE A 249 -3.79 33.68 23.17
CA ILE A 249 -5.02 32.95 23.43
C ILE A 249 -5.31 33.04 24.93
N TYR A 250 -6.16 33.99 25.31
CA TYR A 250 -6.49 34.17 26.71
C TYR A 250 -7.87 33.58 27.01
N LYS A 251 -8.09 33.19 28.26
CA LYS A 251 -9.39 32.64 28.65
C LYS A 251 -10.48 33.68 28.46
N GLY A 252 -11.60 33.26 27.89
CA GLY A 252 -12.69 34.18 27.63
C GLY A 252 -12.71 34.66 26.19
N ARG A 253 -11.55 34.68 25.56
CA ARG A 253 -11.46 35.09 24.17
C ARG A 253 -12.28 34.16 23.28
N THR A 254 -12.92 34.70 22.26
CA THR A 254 -13.78 33.91 21.39
C THR A 254 -13.31 33.95 19.94
N ALA A 255 -12.69 35.06 19.55
CA ALA A 255 -12.19 35.23 18.20
C ALA A 255 -11.26 34.11 17.77
N GLY A 256 -11.60 33.47 16.65
CA GLY A 256 -10.77 32.43 16.07
C GLY A 256 -10.40 31.34 17.05
N MET A 257 -11.35 30.93 17.87
CA MET A 257 -11.09 29.90 18.87
C MET A 257 -11.58 28.52 18.43
N ASN A 258 -11.06 27.49 19.07
CA ASN A 258 -11.58 26.15 18.91
C ASN A 258 -11.33 25.34 20.17
N LYS A 259 -11.83 24.12 20.18
CA LYS A 259 -11.70 23.21 21.32
C LYS A 259 -10.25 23.08 21.78
N TYR A 260 -9.32 23.07 20.84
CA TYR A 260 -7.91 22.76 21.15
C TYR A 260 -7.16 23.99 21.67
N LYS A 261 -7.40 25.13 21.06
CA LYS A 261 -6.86 26.38 21.56
C LYS A 261 -7.37 26.65 22.97
N GLU A 262 -8.63 26.32 23.21
CA GLU A 262 -9.26 26.53 24.50
C GLU A 262 -8.47 25.89 25.65
N TYR A 263 -8.01 24.66 25.43
CA TYR A 263 -7.29 23.95 26.47
C TYR A 263 -6.08 24.74 26.99
N PHE A 264 -5.43 25.47 26.09
CA PHE A 264 -4.20 26.17 26.45
C PHE A 264 -4.42 27.66 26.71
N ALA A 265 -5.68 28.08 26.78
CA ALA A 265 -6.02 29.47 27.09
C ALA A 265 -5.46 29.86 28.45
N SER A 266 -4.83 31.04 28.52
CA SER A 266 -4.10 31.47 29.70
C SER A 266 -4.84 32.53 30.53
N GLU A 267 -4.56 32.56 31.82
CA GLU A 267 -5.12 33.59 32.72
C GLU A 267 -4.40 34.93 32.51
N THR A 268 -3.34 34.91 31.71
CA THR A 268 -2.45 36.07 31.57
C THR A 268 -3.19 37.33 31.11
N GLU A 269 -2.71 38.49 31.55
CA GLU A 269 -3.27 39.75 31.11
C GLU A 269 -2.60 40.21 29.82
N ALA A 270 -1.53 39.52 29.44
CA ALA A 270 -0.85 39.79 28.18
C ALA A 270 -1.80 39.56 27.01
N ARG A 271 -1.69 40.41 25.99
CA ARG A 271 -2.58 40.31 24.84
C ARG A 271 -1.80 40.13 23.55
N THR A 272 -0.56 40.62 23.54
CA THR A 272 0.29 40.49 22.36
C THR A 272 1.47 39.56 22.63
N LEU A 273 2.08 39.09 21.55
CA LEU A 273 3.30 38.30 21.64
C LEU A 273 4.39 39.07 22.39
N THR A 274 4.44 40.37 22.15
CA THR A 274 5.41 41.23 22.82
C THR A 274 5.24 41.19 24.34
N GLU A 275 4.02 41.39 24.79
CA GLU A 275 3.74 41.42 26.23
C GLU A 275 3.92 40.05 26.86
N ALA A 276 3.57 39.01 26.12
CA ALA A 276 3.71 37.64 26.62
C ALA A 276 5.17 37.28 26.86
N LEU A 277 6.06 37.86 26.06
CA LEU A 277 7.46 37.48 26.08
C LEU A 277 8.26 38.19 27.17
N ARG A 278 7.62 39.12 27.88
CA ARG A 278 8.29 39.86 28.95
C ARG A 278 8.64 38.92 30.12
N GLY A 279 9.93 38.71 30.32
CA GLY A 279 10.39 37.80 31.36
C GLY A 279 10.24 36.33 30.99
N ALA A 280 9.90 36.05 29.74
CA ALA A 280 9.75 34.67 29.29
C ALA A 280 11.11 33.98 29.13
N ASP A 281 11.18 32.69 29.43
CA ASP A 281 12.42 31.95 29.31
C ASP A 281 12.59 31.37 27.93
N VAL A 282 11.48 30.97 27.33
CA VAL A 282 11.49 30.21 26.08
C VAL A 282 10.50 30.75 25.07
N PHE A 283 10.96 30.85 23.82
CA PHE A 283 10.09 31.14 22.69
C PHE A 283 10.08 29.94 21.74
N VAL A 284 8.90 29.40 21.50
CA VAL A 284 8.72 28.31 20.54
C VAL A 284 7.95 28.86 19.34
N GLY A 285 8.65 28.97 18.21
CA GLY A 285 8.09 29.62 17.03
C GLY A 285 7.62 28.60 16.01
N LEU A 286 6.31 28.44 15.91
CA LEU A 286 5.70 27.53 14.95
C LEU A 286 4.64 28.30 14.18
N SER A 287 5.08 29.38 13.54
CA SER A 287 4.16 30.33 12.92
C SER A 287 4.67 30.74 11.55
N VAL A 288 5.23 31.95 11.48
CA VAL A 288 5.67 32.51 10.21
C VAL A 288 6.90 33.39 10.41
N ALA A 289 7.61 33.65 9.32
CA ALA A 289 8.89 34.37 9.36
C ALA A 289 8.74 35.80 9.86
N GLY A 290 9.77 36.28 10.55
CA GLY A 290 9.80 37.65 11.02
C GLY A 290 8.88 37.94 12.19
N ALA A 291 8.16 36.93 12.65
CA ALA A 291 7.20 37.11 13.73
C ALA A 291 7.86 37.52 15.03
N LEU A 292 9.15 37.22 15.16
CA LEU A 292 9.91 37.59 16.35
C LEU A 292 10.93 38.68 16.05
N THR A 293 10.74 39.87 16.64
CA THR A 293 11.67 40.97 16.42
C THR A 293 12.67 41.05 17.58
N PRO A 294 13.68 41.92 17.44
CA PRO A 294 14.68 42.10 18.50
C PRO A 294 14.17 42.76 19.79
N GLU A 295 13.16 43.60 19.66
CA GLU A 295 12.58 44.33 20.80
C GLU A 295 11.88 43.39 21.77
N MET A 296 11.28 42.32 21.24
CA MET A 296 10.62 41.33 22.07
C MET A 296 11.70 40.54 22.79
N LEU A 297 12.82 40.35 22.11
CA LEU A 297 13.95 39.62 22.66
C LEU A 297 14.54 40.38 23.83
N LYS A 298 14.47 41.71 23.76
CA LYS A 298 15.08 42.56 24.75
C LYS A 298 14.58 42.23 26.16
N ASP A 299 13.27 42.03 26.28
CA ASP A 299 12.65 41.84 27.58
C ASP A 299 12.49 40.38 27.99
N MET A 300 13.06 39.46 27.22
CA MET A 300 13.10 38.07 27.67
C MET A 300 14.10 37.93 28.82
N ALA A 301 13.96 36.85 29.58
CA ALA A 301 14.85 36.57 30.70
C ALA A 301 16.27 36.27 30.21
N LYS A 302 17.23 36.31 31.13
CA LYS A 302 18.61 36.01 30.79
C LYS A 302 18.73 34.61 30.19
N ASP A 303 19.64 34.47 29.22
CA ASP A 303 19.84 33.19 28.55
C ASP A 303 18.56 32.69 27.92
N PRO A 304 17.90 33.54 27.12
CA PRO A 304 16.63 33.12 26.52
C PRO A 304 16.81 31.96 25.54
N ILE A 305 15.87 31.02 25.57
CA ILE A 305 15.90 29.89 24.67
C ILE A 305 14.92 30.16 23.53
N ILE A 306 15.44 30.18 22.31
CA ILE A 306 14.64 30.60 21.17
C ILE A 306 14.57 29.55 20.07
N PHE A 307 13.41 28.91 19.96
CA PHE A 307 13.13 27.96 18.89
C PHE A 307 12.38 28.66 17.77
N ALA A 308 13.09 29.11 16.74
CA ALA A 308 12.44 29.72 15.59
C ALA A 308 12.34 28.69 14.47
N MET A 309 11.21 27.99 14.40
CA MET A 309 11.13 26.83 13.52
C MET A 309 10.23 27.06 12.30
N ALA A 310 9.75 28.28 12.12
CA ALA A 310 9.01 28.62 10.90
C ALA A 310 9.86 28.32 9.68
N ASN A 311 9.27 27.72 8.66
CA ASN A 311 9.96 27.43 7.42
C ASN A 311 9.26 28.10 6.23
N PRO A 312 10.03 28.48 5.21
CA PRO A 312 11.47 28.23 5.11
C PRO A 312 12.31 29.28 5.84
N GLU A 313 11.69 30.39 6.22
CA GLU A 313 12.37 31.44 6.95
C GLU A 313 11.88 31.53 8.38
N PRO A 314 12.80 31.39 9.35
CA PRO A 314 12.49 31.39 10.79
C PRO A 314 11.84 32.69 11.25
N GLU A 315 11.15 32.66 12.38
CA GLU A 315 10.56 33.86 12.97
C GLU A 315 11.62 34.95 13.15
N ILE A 316 12.88 34.52 13.25
CA ILE A 316 14.01 35.42 13.31
C ILE A 316 15.27 34.60 13.06
N THR A 317 16.30 35.22 12.50
CA THR A 317 17.54 34.51 12.20
C THR A 317 18.45 34.46 13.42
N PRO A 318 19.34 33.45 13.45
CA PRO A 318 20.28 33.21 14.56
C PRO A 318 21.24 34.37 14.81
N ASP A 319 21.64 35.05 13.75
CA ASP A 319 22.55 36.18 13.88
C ASP A 319 21.81 37.41 14.38
N LYS A 320 20.63 37.65 13.81
CA LYS A 320 19.79 38.77 14.24
C LYS A 320 19.35 38.56 15.68
N ALA A 321 19.21 37.30 16.10
CA ALA A 321 18.82 37.00 17.46
C ALA A 321 19.98 37.25 18.43
N ARG A 322 21.15 36.69 18.14
CA ARG A 322 22.30 36.87 19.01
C ARG A 322 22.77 38.33 19.01
N ALA A 323 22.48 39.05 17.93
CA ALA A 323 22.81 40.46 17.88
C ALA A 323 22.01 41.22 18.94
N ALA A 324 20.73 40.89 19.06
CA ALA A 324 19.87 41.50 20.06
C ALA A 324 20.16 40.92 21.44
N ARG A 325 20.28 39.60 21.49
CA ARG A 325 20.53 38.89 22.74
C ARG A 325 21.70 37.92 22.59
N PRO A 326 22.89 38.33 23.03
CA PRO A 326 24.10 37.51 22.96
C PRO A 326 24.04 36.26 23.85
N ASP A 327 23.23 36.31 24.91
CA ASP A 327 23.09 35.17 25.80
C ASP A 327 21.99 34.21 25.31
N ALA A 328 21.57 34.40 24.07
CA ALA A 328 20.46 33.64 23.53
C ALA A 328 20.92 32.26 23.05
N ILE A 329 20.09 31.26 23.32
CA ILE A 329 20.29 29.91 22.79
C ILE A 329 19.25 29.69 21.70
N ILE A 330 19.69 29.38 20.48
CA ILE A 330 18.77 29.36 19.35
C ILE A 330 18.78 28.07 18.55
N ALA A 331 17.59 27.59 18.23
CA ALA A 331 17.41 26.43 17.36
C ALA A 331 16.42 26.83 16.28
N THR A 332 16.55 26.22 15.11
CA THR A 332 15.63 26.50 14.01
C THR A 332 15.28 25.22 13.28
N GLY A 333 14.48 25.33 12.23
CA GLY A 333 14.11 24.19 11.43
C GLY A 333 15.05 23.96 10.25
N ARG A 334 16.06 24.80 10.15
CA ARG A 334 17.00 24.77 9.05
C ARG A 334 18.34 24.12 9.29
N SER A 335 18.85 23.47 8.25
CA SER A 335 20.10 22.78 8.27
C SER A 335 21.31 23.70 8.12
N ASP A 336 21.11 24.98 7.84
CA ASP A 336 22.25 25.82 7.73
C ASP A 336 22.68 26.49 9.02
N TYR A 337 21.96 26.27 10.10
CA TYR A 337 22.31 26.77 11.41
C TYR A 337 22.40 25.60 12.38
N PRO A 338 23.11 25.76 13.49
CA PRO A 338 23.24 24.75 14.54
C PRO A 338 21.88 24.39 15.15
N ASN A 339 21.81 23.25 15.83
CA ASN A 339 20.61 22.87 16.55
C ASN A 339 19.37 22.75 15.66
N GLN A 340 19.46 22.01 14.57
CA GLN A 340 18.30 21.86 13.70
C GLN A 340 17.27 20.93 14.33
N VAL A 341 16.08 21.46 14.56
CA VAL A 341 14.97 20.64 15.00
C VAL A 341 14.39 19.92 13.79
N ASN A 342 14.96 18.75 13.48
CA ASN A 342 14.63 17.99 12.28
C ASN A 342 13.81 16.75 12.63
N ASN A 343 12.61 16.63 12.06
CA ASN A 343 11.69 15.55 12.42
C ASN A 343 12.26 14.17 12.12
N VAL A 344 13.26 14.09 11.25
CA VAL A 344 13.83 12.79 10.90
C VAL A 344 14.56 12.18 12.11
N LEU A 345 14.79 13.00 13.13
CA LEU A 345 15.37 12.48 14.37
C LEU A 345 14.36 11.68 15.19
N GLY A 346 13.07 11.82 14.87
CA GLY A 346 12.02 11.23 15.68
C GLY A 346 11.35 9.99 15.11
N PHE A 347 10.54 10.17 14.06
CA PHE A 347 9.66 9.09 13.61
C PHE A 347 10.39 7.77 13.25
N PRO A 348 11.60 7.83 12.68
CA PRO A 348 12.21 6.54 12.31
C PRO A 348 12.38 5.59 13.50
N SER A 349 12.91 6.10 14.60
CA SER A 349 13.18 5.29 15.79
C SER A 349 11.90 4.96 16.55
N ILE A 350 10.96 5.89 16.51
CA ILE A 350 9.71 5.71 17.22
C ILE A 350 8.97 4.52 16.63
N PHE A 351 8.88 4.48 15.30
CA PHE A 351 8.23 3.35 14.66
C PHE A 351 9.10 2.09 14.73
N ARG A 352 10.42 2.22 14.62
CA ARG A 352 11.29 1.04 14.74
C ARG A 352 11.04 0.34 16.07
N GLY A 353 11.01 1.10 17.16
CA GLY A 353 10.79 0.56 18.48
C GLY A 353 9.39 -0.04 18.62
N ALA A 354 8.41 0.65 18.07
CA ALA A 354 7.03 0.20 18.13
C ALA A 354 6.85 -1.10 17.36
N LEU A 355 7.43 -1.14 16.15
CA LEU A 355 7.26 -2.31 15.30
C LEU A 355 7.94 -3.53 15.90
N ASP A 356 9.12 -3.31 16.44
CA ASP A 356 9.93 -4.44 16.90
C ASP A 356 9.32 -5.10 18.13
N THR A 357 8.52 -4.34 18.88
CA THR A 357 7.81 -4.91 20.03
C THR A 357 6.39 -5.30 19.65
N ARG A 358 6.08 -5.22 18.36
CA ARG A 358 4.74 -5.46 17.82
C ARG A 358 3.70 -4.74 18.68
N SER A 359 3.93 -3.45 18.90
CA SER A 359 3.08 -2.65 19.77
C SER A 359 1.74 -2.30 19.13
N THR A 360 0.74 -2.11 19.98
CA THR A 360 -0.58 -1.76 19.55
C THR A 360 -0.74 -0.26 19.50
N GLN A 361 0.21 0.46 20.10
CA GLN A 361 0.17 1.93 20.17
C GLN A 361 1.56 2.56 20.12
N ILE A 362 1.61 3.83 19.75
CA ILE A 362 2.71 4.68 20.22
C ILE A 362 2.10 5.64 21.24
N ASN A 363 2.33 5.37 22.52
CA ASN A 363 1.69 6.13 23.58
C ASN A 363 2.62 7.21 24.14
N GLU A 364 2.15 7.96 25.12
CA GLU A 364 2.93 9.09 25.63
C GLU A 364 4.22 8.61 26.28
N GLU A 365 4.20 7.42 26.87
CA GLU A 365 5.39 6.84 27.47
C GLU A 365 6.48 6.66 26.43
N MET A 366 6.11 6.15 25.27
CA MET A 366 7.06 5.95 24.18
C MET A 366 7.59 7.25 23.61
N LYS A 367 6.71 8.24 23.49
CA LYS A 367 7.12 9.55 23.01
C LYS A 367 8.14 10.18 23.96
N LEU A 368 7.87 10.10 25.25
CA LEU A 368 8.78 10.66 26.25
C LEU A 368 10.09 9.89 26.28
N ALA A 369 10.04 8.59 26.04
CA ALA A 369 11.26 7.80 25.99
C ALA A 369 12.16 8.30 24.86
N ALA A 370 11.55 8.63 23.72
CA ALA A 370 12.32 9.16 22.60
C ALA A 370 12.95 10.51 22.95
N VAL A 371 12.18 11.39 23.61
CA VAL A 371 12.70 12.70 24.02
C VAL A 371 13.96 12.54 24.85
N HIS A 372 13.89 11.69 25.88
CA HIS A 372 14.99 11.60 26.84
C HIS A 372 16.22 10.98 26.19
N ALA A 373 16.00 10.02 25.29
CA ALA A 373 17.10 9.37 24.60
C ALA A 373 17.79 10.31 23.64
N LEU A 374 17.02 11.10 22.91
CA LEU A 374 17.61 12.10 22.02
C LEU A 374 18.42 13.12 22.80
N ALA A 375 17.85 13.61 23.90
CA ALA A 375 18.55 14.56 24.74
C ALA A 375 19.85 13.96 25.25
N LYS A 376 19.82 12.69 25.62
CA LYS A 376 21.00 12.00 26.15
C LYS A 376 22.11 11.79 25.12
N LEU A 377 21.74 11.42 23.90
CA LEU A 377 22.73 11.20 22.86
C LEU A 377 23.53 12.47 22.56
N ALA A 378 22.87 13.63 22.66
CA ALA A 378 23.54 14.90 22.37
C ALA A 378 24.72 15.19 23.30
N ARG A 379 24.69 14.60 24.49
CA ARG A 379 25.74 14.84 25.48
C ARG A 379 26.94 13.92 25.26
N GLU A 380 26.75 12.88 24.47
CA GLU A 380 27.83 11.96 24.10
C GLU A 380 28.86 12.65 23.21
N ASP A 381 30.08 12.13 23.24
CA ASP A 381 31.13 12.61 22.34
C ASP A 381 30.73 12.38 20.89
N VAL A 382 30.92 13.39 20.06
CA VAL A 382 30.58 13.28 18.65
C VAL A 382 31.69 12.60 17.87
N PRO A 383 31.42 11.40 17.34
CA PRO A 383 32.36 10.61 16.55
C PRO A 383 32.92 11.39 15.36
N ASP A 384 34.10 10.98 14.90
CA ASP A 384 34.72 11.62 13.74
C ASP A 384 33.90 11.35 12.49
N LYS A 385 33.23 10.21 12.47
CA LYS A 385 32.34 9.86 11.37
C LYS A 385 31.31 10.97 11.18
N VAL A 386 30.76 11.44 12.29
CA VAL A 386 29.79 12.52 12.28
C VAL A 386 30.48 13.84 11.92
N SER A 387 31.64 14.09 12.52
CA SER A 387 32.42 15.28 12.19
C SER A 387 32.75 15.30 10.70
N ALA A 388 33.21 14.17 10.18
CA ALA A 388 33.53 14.04 8.77
C ALA A 388 32.29 14.29 7.92
N THR A 389 31.16 13.74 8.35
CA THR A 389 29.89 13.90 7.65
C THR A 389 29.55 15.37 7.48
N TYR A 390 29.97 16.18 8.44
CA TYR A 390 29.70 17.62 8.40
C TYR A 390 30.98 18.43 8.23
N GLY A 391 31.86 17.94 7.37
CA GLY A 391 33.05 18.68 6.96
C GLY A 391 34.01 19.10 8.07
N GLY A 392 34.49 18.14 8.83
CA GLY A 392 35.50 18.39 9.84
C GLY A 392 35.04 19.26 11.00
N LYS A 393 33.81 19.75 10.92
CA LYS A 393 33.23 20.58 11.97
C LYS A 393 33.06 19.76 13.25
N SER A 394 33.75 20.18 14.31
CA SER A 394 33.66 19.48 15.59
C SER A 394 32.37 19.87 16.31
N PHE A 395 31.87 18.94 17.13
CA PHE A 395 30.66 19.20 17.92
C PHE A 395 30.86 18.75 19.35
N LYS A 396 30.54 19.62 20.29
CA LYS A 396 30.55 19.27 21.70
C LYS A 396 29.29 19.80 22.34
N PHE A 397 28.68 19.01 23.20
CA PHE A 397 27.44 19.39 23.87
C PHE A 397 27.54 20.81 24.44
N GLY A 398 26.63 21.68 24.03
CA GLY A 398 26.65 23.06 24.45
C GLY A 398 25.54 23.87 23.81
N ARG A 399 25.67 25.19 23.85
CA ARG A 399 24.65 26.07 23.28
C ARG A 399 24.51 25.90 21.77
N ASP A 400 25.58 25.43 21.12
CA ASP A 400 25.58 25.25 19.68
C ASP A 400 25.38 23.78 19.27
N TYR A 401 25.14 22.93 20.26
CA TYR A 401 24.90 21.51 19.99
C TYR A 401 24.00 20.91 21.05
N LEU A 402 22.69 21.03 20.82
CA LEU A 402 21.66 20.67 21.80
C LEU A 402 21.01 19.33 21.51
N ILE A 403 21.12 18.91 20.26
CA ILE A 403 20.47 17.70 19.80
C ILE A 403 21.37 17.03 18.78
N PRO A 404 21.18 15.73 18.54
CA PRO A 404 22.01 15.05 17.55
C PRO A 404 21.78 15.62 16.16
N LYS A 405 22.80 15.54 15.31
CA LYS A 405 22.66 15.89 13.90
C LYS A 405 21.81 14.83 13.21
N PRO A 406 21.02 15.24 12.20
CA PRO A 406 20.14 14.33 11.47
C PRO A 406 20.85 13.11 10.89
N PHE A 407 22.09 13.27 10.43
CA PHE A 407 22.80 12.16 9.82
C PHE A 407 23.69 11.40 10.79
N ASP A 408 23.46 11.58 12.09
CA ASP A 408 24.16 10.79 13.11
C ASP A 408 23.55 9.39 13.18
N THR A 409 24.32 8.38 12.83
CA THR A 409 23.79 7.02 12.72
C THR A 409 23.54 6.37 14.08
N ARG A 410 24.08 6.96 15.14
CA ARG A 410 23.85 6.49 16.49
C ARG A 410 22.40 6.67 16.92
N VAL A 411 21.69 7.60 16.28
CA VAL A 411 20.35 7.95 16.72
C VAL A 411 19.43 6.71 16.80
N LEU A 412 19.39 5.91 15.75
CA LEU A 412 18.47 4.77 15.75
C LEU A 412 18.83 3.79 16.86
N LEU A 413 20.13 3.60 17.05
CA LEU A 413 20.63 2.67 18.06
C LEU A 413 20.35 3.15 19.48
N TRP A 414 20.30 4.47 19.66
CA TRP A 414 20.03 5.05 20.95
C TRP A 414 18.54 5.16 21.26
N VAL A 415 17.77 5.64 20.29
CA VAL A 415 16.38 5.97 20.56
C VAL A 415 15.43 4.78 20.43
N ALA A 416 15.55 3.99 19.36
CA ALA A 416 14.62 2.88 19.15
C ALA A 416 14.59 1.88 20.31
N PRO A 417 15.75 1.51 20.88
CA PRO A 417 15.65 0.58 22.01
C PRO A 417 14.93 1.20 23.21
N GLU A 418 15.02 2.51 23.39
CA GLU A 418 14.34 3.15 24.52
C GLU A 418 12.82 3.20 24.30
N VAL A 419 12.40 3.41 23.06
CA VAL A 419 10.98 3.34 22.72
C VAL A 419 10.42 1.93 22.96
N ALA A 420 11.18 0.92 22.55
CA ALA A 420 10.77 -0.46 22.73
C ALA A 420 10.63 -0.80 24.21
N LYS A 421 11.60 -0.36 25.00
CA LYS A 421 11.56 -0.56 26.45
C LYS A 421 10.32 0.13 27.03
N ALA A 422 10.01 1.33 26.54
CA ALA A 422 8.85 2.06 27.02
C ALA A 422 7.55 1.33 26.69
N ALA A 423 7.47 0.76 25.48
CA ALA A 423 6.29 0.04 25.05
C ALA A 423 6.08 -1.22 25.89
N MET A 424 7.18 -1.89 26.22
CA MET A 424 7.08 -3.08 27.05
C MET A 424 6.70 -2.73 28.48
N LYS A 425 7.33 -1.70 29.03
CA LYS A 425 7.02 -1.31 30.39
C LYS A 425 5.57 -0.84 30.55
N SER A 426 5.03 -0.20 29.52
CA SER A 426 3.69 0.36 29.60
C SER A 426 2.63 -0.64 29.13
N GLY A 427 3.07 -1.79 28.66
CA GLY A 427 2.17 -2.88 28.35
C GLY A 427 1.44 -2.80 27.02
N VAL A 428 1.94 -2.02 26.07
CA VAL A 428 1.35 -2.00 24.74
C VAL A 428 2.10 -2.94 23.80
N ALA A 429 3.23 -3.48 24.26
CA ALA A 429 3.98 -4.43 23.45
C ALA A 429 3.26 -5.79 23.41
N THR A 430 3.32 -6.46 22.27
CA THR A 430 2.74 -7.80 22.16
C THR A 430 3.79 -8.85 21.87
N ARG A 431 5.04 -8.42 21.72
CA ARG A 431 6.16 -9.32 21.48
C ARG A 431 7.32 -8.97 22.40
N THR B 26 0.85 -32.86 1.54
CA THR B 26 2.21 -32.99 2.02
C THR B 26 2.54 -31.90 3.04
N THR B 27 2.51 -32.27 4.31
CA THR B 27 2.71 -31.28 5.35
C THR B 27 4.20 -30.86 5.40
N ASN B 28 5.12 -31.67 4.88
CA ASN B 28 6.49 -31.18 4.86
C ASN B 28 6.68 -30.13 3.76
N PHE B 29 5.93 -30.27 2.68
CA PHE B 29 5.93 -29.20 1.69
C PHE B 29 5.37 -27.92 2.32
N ASP B 30 4.32 -28.04 3.13
CA ASP B 30 3.82 -26.90 3.90
C ASP B 30 4.94 -26.28 4.73
N GLN B 31 5.77 -27.12 5.35
CA GLN B 31 6.82 -26.58 6.19
C GLN B 31 7.87 -25.89 5.35
N GLU B 32 8.07 -26.32 4.11
CA GLU B 32 8.98 -25.61 3.24
C GLU B 32 8.45 -24.21 2.97
N ALA B 33 7.13 -24.11 2.85
CA ALA B 33 6.51 -22.83 2.53
C ALA B 33 6.57 -21.89 3.74
N LEU B 34 6.32 -22.43 4.92
CA LEU B 34 6.43 -21.63 6.15
C LEU B 34 7.85 -21.10 6.32
N LEU B 35 8.85 -21.95 6.10
CA LEU B 35 10.23 -21.51 6.24
C LEU B 35 10.56 -20.38 5.24
N TYR B 36 10.12 -20.58 4.01
CA TYR B 36 10.32 -19.61 2.95
C TYR B 36 9.80 -18.23 3.37
N HIS B 37 8.65 -18.23 4.05
CA HIS B 37 7.98 -16.96 4.40
C HIS B 37 8.61 -16.29 5.61
N GLN B 38 9.32 -17.06 6.43
CA GLN B 38 9.90 -16.45 7.63
C GLN B 38 11.40 -16.24 7.55
N GLN B 39 12.07 -16.87 6.57
CA GLN B 39 13.52 -16.88 6.54
C GLN B 39 14.10 -15.50 6.21
N GLY B 40 15.11 -15.07 6.96
CA GLY B 40 15.69 -13.76 6.74
C GLY B 40 14.72 -12.71 7.25
N LYS B 41 14.14 -11.92 6.36
CA LYS B 41 13.13 -10.98 6.82
C LYS B 41 11.75 -11.56 6.59
N PRO B 42 10.86 -11.36 7.56
CA PRO B 42 9.51 -11.91 7.43
C PRO B 42 8.83 -11.45 6.15
N GLY B 43 8.09 -12.35 5.51
CA GLY B 43 7.31 -11.94 4.36
C GLY B 43 8.09 -12.00 3.06
N LYS B 44 7.48 -11.46 2.01
CA LYS B 44 8.03 -11.66 0.67
C LYS B 44 8.34 -10.37 -0.06
N ILE B 45 8.00 -9.23 0.53
CA ILE B 45 8.21 -7.98 -0.17
C ILE B 45 9.12 -7.02 0.58
N GLU B 46 9.72 -6.09 -0.17
CA GLU B 46 10.49 -4.99 0.36
C GLU B 46 10.22 -3.78 -0.53
N VAL B 47 10.17 -2.58 0.06
CA VAL B 47 10.01 -1.38 -0.75
C VAL B 47 11.35 -0.67 -0.81
N ILE B 48 11.88 -0.43 -2.01
CA ILE B 48 13.19 0.19 -2.09
C ILE B 48 13.09 1.47 -2.89
N SER B 49 14.12 2.30 -2.78
CA SER B 49 14.18 3.52 -3.59
C SER B 49 14.64 3.18 -4.98
N SER B 50 14.02 3.81 -5.97
CA SER B 50 14.47 3.66 -7.35
C SER B 50 15.49 4.74 -7.72
N LYS B 51 15.71 5.68 -6.81
CA LYS B 51 16.62 6.80 -7.07
C LYS B 51 17.70 6.89 -5.99
N PRO B 52 18.79 7.61 -6.28
CA PRO B 52 19.84 7.83 -5.27
C PRO B 52 19.28 8.49 -4.01
N CYS B 53 19.54 7.92 -2.84
CA CYS B 53 19.00 8.48 -1.61
C CYS B 53 19.97 8.47 -0.42
N ALA B 54 21.27 8.43 -0.71
CA ALA B 54 22.27 8.30 0.34
C ALA B 54 22.70 9.64 0.94
N THR B 55 22.90 10.64 0.09
CA THR B 55 23.50 11.91 0.52
C THR B 55 22.47 12.97 0.87
N GLU B 56 22.91 13.99 1.61
CA GLU B 56 22.06 15.13 1.92
C GLU B 56 21.53 15.78 0.64
N LYS B 57 22.37 15.82 -0.38
CA LYS B 57 21.94 16.34 -1.68
C LYS B 57 20.83 15.46 -2.25
N ASP B 58 21.06 14.14 -2.29
CA ASP B 58 20.05 13.21 -2.75
C ASP B 58 18.72 13.46 -2.04
N LEU B 59 18.78 13.62 -0.72
CA LEU B 59 17.56 13.69 0.04
C LEU B 59 16.93 15.07 -0.10
N SER B 60 17.70 16.05 -0.55
CA SER B 60 17.14 17.37 -0.79
C SER B 60 16.32 17.38 -2.09
N LEU B 61 16.43 16.34 -2.87
CA LEU B 61 15.67 16.19 -4.07
C LEU B 61 14.50 15.23 -3.77
N ALA B 62 14.80 14.15 -3.09
CA ALA B 62 13.78 13.19 -2.75
C ALA B 62 12.75 13.70 -1.77
N TYR B 63 13.18 14.59 -0.93
CA TYR B 63 12.34 15.20 0.06
C TYR B 63 12.46 16.72 -0.03
N SER B 64 12.21 17.40 1.05
CA SER B 64 12.23 18.84 1.05
C SER B 64 13.65 19.39 0.88
N PRO B 65 13.83 20.47 0.16
CA PRO B 65 12.79 21.26 -0.52
C PRO B 65 12.49 20.82 -1.95
N GLY B 66 13.32 19.99 -2.54
CA GLY B 66 13.19 19.65 -3.95
C GLY B 66 11.87 19.01 -4.34
N VAL B 67 11.32 18.21 -3.42
CA VAL B 67 10.11 17.45 -3.71
C VAL B 67 8.89 18.37 -3.98
N ALA B 68 8.97 19.63 -3.54
CA ALA B 68 7.89 20.60 -3.84
C ALA B 68 7.66 20.84 -5.35
N ALA B 69 8.71 20.68 -6.16
CA ALA B 69 8.61 20.94 -7.59
C ALA B 69 7.62 20.02 -8.30
N PRO B 70 7.78 18.69 -8.16
CA PRO B 70 6.77 17.83 -8.78
C PRO B 70 5.38 17.99 -8.13
N CYS B 71 5.32 18.37 -6.86
CA CYS B 71 4.01 18.52 -6.22
C CYS B 71 3.26 19.67 -6.86
N LYS B 72 3.95 20.77 -7.07
CA LYS B 72 3.33 21.94 -7.68
C LYS B 72 2.91 21.64 -9.10
N ALA B 73 3.71 20.85 -9.80
CA ALA B 73 3.43 20.51 -11.17
C ALA B 73 2.17 19.65 -11.25
N ILE B 74 2.03 18.71 -10.32
CA ILE B 74 0.86 17.84 -10.27
C ILE B 74 -0.39 18.64 -9.86
N ALA B 75 -0.24 19.58 -8.93
CA ALA B 75 -1.37 20.42 -8.55
C ALA B 75 -1.90 21.22 -9.75
N LYS B 76 -0.99 21.68 -10.61
CA LYS B 76 -1.40 22.48 -11.76
C LYS B 76 -1.98 21.60 -12.88
N ASP B 77 -1.38 20.42 -13.10
CA ASP B 77 -1.81 19.45 -14.10
C ASP B 77 -1.82 18.07 -13.49
N PRO B 78 -3.00 17.61 -13.07
CA PRO B 78 -3.12 16.34 -12.36
C PRO B 78 -2.52 15.15 -13.11
N ALA B 79 -2.57 15.15 -14.44
CA ALA B 79 -2.05 14.01 -15.21
C ALA B 79 -0.57 13.75 -14.92
N LYS B 80 0.14 14.78 -14.46
CA LYS B 80 1.57 14.64 -14.25
C LYS B 80 1.89 13.74 -13.05
N VAL B 81 0.87 13.31 -12.32
CA VAL B 81 1.10 12.34 -11.25
C VAL B 81 1.75 11.10 -11.85
N TYR B 82 1.41 10.79 -13.11
CA TYR B 82 2.02 9.64 -13.78
C TYR B 82 3.49 9.87 -14.17
N ASP B 83 3.88 11.14 -14.29
CA ASP B 83 5.27 11.44 -14.65
C ASP B 83 6.24 11.44 -13.48
N TYR B 84 5.75 11.74 -12.27
CA TYR B 84 6.63 12.04 -11.15
C TYR B 84 6.53 11.12 -9.94
N THR B 85 5.63 10.14 -10.04
CA THR B 85 5.42 9.16 -8.96
C THR B 85 5.40 7.78 -9.57
N ALA B 86 5.28 6.77 -8.71
CA ALA B 86 5.19 5.41 -9.21
C ALA B 86 3.79 5.02 -9.70
N LYS B 87 2.84 5.96 -9.70
CA LYS B 87 1.45 5.58 -9.96
C LYS B 87 1.26 4.76 -11.24
N GLY B 88 2.01 5.12 -12.27
CA GLY B 88 1.87 4.51 -13.58
C GLY B 88 2.39 3.09 -13.66
N ASN B 89 3.00 2.62 -12.57
CA ASN B 89 3.45 1.23 -12.51
C ASN B 89 2.98 0.52 -11.26
N LEU B 90 1.98 1.07 -10.61
CA LEU B 90 1.61 0.64 -9.28
C LEU B 90 0.16 0.14 -9.24
N VAL B 91 0.02 -1.14 -8.94
CA VAL B 91 -1.29 -1.74 -8.82
C VAL B 91 -1.54 -2.14 -7.37
N ALA B 92 -2.76 -1.92 -6.90
CA ALA B 92 -3.16 -2.43 -5.59
C ALA B 92 -3.77 -3.81 -5.76
N VAL B 93 -3.25 -4.81 -5.04
CA VAL B 93 -3.95 -6.07 -4.94
C VAL B 93 -4.75 -6.01 -3.65
N ILE B 94 -6.06 -5.99 -3.77
CA ILE B 94 -6.90 -5.68 -2.62
C ILE B 94 -7.88 -6.79 -2.33
N SER B 95 -7.89 -7.24 -1.08
CA SER B 95 -8.75 -8.34 -0.66
C SER B 95 -9.30 -8.09 0.72
N ASN B 96 -10.47 -8.64 1.02
CA ASN B 96 -10.93 -8.68 2.42
C ASN B 96 -10.81 -10.10 2.99
N GLY B 97 -10.15 -10.97 2.23
CA GLY B 97 -9.81 -12.32 2.70
C GLY B 97 -11.02 -13.22 2.90
N THR B 98 -12.11 -12.94 2.18
CA THR B 98 -13.33 -13.74 2.34
C THR B 98 -13.40 -14.96 1.41
N ALA B 99 -12.51 -15.04 0.43
CA ALA B 99 -12.38 -16.28 -0.36
C ALA B 99 -10.93 -16.47 -0.79
N VAL B 100 -10.07 -16.83 0.15
CA VAL B 100 -8.66 -17.02 -0.08
C VAL B 100 -8.33 -18.39 -0.57
N LEU B 101 -7.80 -18.41 -1.79
CA LEU B 101 -7.48 -19.60 -2.50
C LEU B 101 -8.72 -20.47 -2.40
N GLY B 102 -8.57 -21.64 -1.84
CA GLY B 102 -9.67 -22.55 -1.61
C GLY B 102 -9.90 -22.68 -0.11
N LEU B 103 -9.36 -21.77 0.65
CA LEU B 103 -9.47 -21.85 2.10
C LEU B 103 -10.72 -21.23 2.66
N GLY B 104 -11.39 -20.46 1.83
CA GLY B 104 -12.63 -19.81 2.23
C GLY B 104 -12.43 -18.49 2.95
N ASN B 105 -13.32 -18.20 3.89
CA ASN B 105 -13.35 -16.90 4.52
C ASN B 105 -12.45 -16.88 5.77
N ILE B 106 -11.16 -16.73 5.55
CA ILE B 106 -10.20 -16.79 6.66
C ILE B 106 -9.82 -15.41 7.19
N GLY B 107 -10.32 -14.35 6.56
CA GLY B 107 -10.08 -13.00 7.06
C GLY B 107 -8.87 -12.33 6.43
N PRO B 108 -8.77 -10.99 6.53
CA PRO B 108 -7.78 -10.28 5.72
C PRO B 108 -6.32 -10.52 6.16
N ALA B 109 -6.06 -10.62 7.45
CA ALA B 109 -4.68 -10.88 7.90
C ALA B 109 -4.19 -12.22 7.37
N ALA B 110 -5.04 -13.24 7.52
CA ALA B 110 -4.67 -14.58 7.05
C ALA B 110 -4.46 -14.61 5.53
N GLY B 111 -5.13 -13.72 4.80
CA GLY B 111 -4.99 -13.68 3.35
C GLY B 111 -3.76 -12.90 2.89
N LYS B 112 -3.08 -12.22 3.80
CA LYS B 112 -1.98 -11.33 3.41
C LYS B 112 -0.85 -12.06 2.67
N PRO B 113 -0.49 -13.28 3.09
CA PRO B 113 0.58 -13.93 2.31
C PRO B 113 0.21 -14.14 0.84
N VAL B 114 -1.05 -14.49 0.59
CA VAL B 114 -1.51 -14.67 -0.78
C VAL B 114 -1.48 -13.36 -1.57
N MET B 115 -1.85 -12.25 -0.93
CA MET B 115 -1.80 -10.96 -1.63
C MET B 115 -0.35 -10.51 -1.89
N GLU B 116 0.55 -10.70 -0.93
CA GLU B 116 1.98 -10.47 -1.22
C GLU B 116 2.43 -11.34 -2.40
N GLY B 117 2.05 -12.63 -2.39
CA GLY B 117 2.37 -13.53 -3.48
C GLY B 117 1.81 -13.11 -4.83
N LYS B 118 0.56 -12.67 -4.86
CA LYS B 118 -0.05 -12.15 -6.10
C LYS B 118 0.79 -10.97 -6.62
N GLY B 119 1.25 -10.13 -5.71
CA GLY B 119 2.06 -8.98 -6.09
C GLY B 119 3.36 -9.40 -6.70
N ILE B 120 3.95 -10.47 -6.16
CA ILE B 120 5.19 -10.96 -6.72
C ILE B 120 4.99 -11.41 -8.16
N LEU B 121 3.85 -12.04 -8.45
CA LEU B 121 3.56 -12.46 -9.82
C LEU B 121 3.40 -11.23 -10.72
N PHE B 122 2.72 -10.19 -10.26
CA PHE B 122 2.65 -8.96 -11.06
C PHE B 122 4.05 -8.43 -11.44
N LYS B 123 4.95 -8.44 -10.46
CA LYS B 123 6.29 -7.93 -10.66
C LYS B 123 7.11 -8.83 -11.56
N GLN B 124 7.07 -10.15 -11.31
CA GLN B 124 7.92 -11.04 -12.08
C GLN B 124 7.42 -11.23 -13.51
N PHE B 125 6.11 -11.17 -13.73
CA PHE B 125 5.61 -11.44 -15.08
C PHE B 125 5.36 -10.18 -15.90
N ALA B 126 5.15 -9.04 -15.25
CA ALA B 126 4.92 -7.84 -16.03
C ALA B 126 5.73 -6.61 -15.59
N GLY B 127 6.58 -6.77 -14.58
CA GLY B 127 7.32 -5.64 -14.04
C GLY B 127 6.51 -4.60 -13.28
N ILE B 128 5.35 -5.02 -12.77
CA ILE B 128 4.41 -4.11 -12.12
C ILE B 128 4.62 -4.16 -10.61
N ASP B 129 4.76 -2.98 -10.00
CA ASP B 129 4.87 -2.87 -8.55
C ASP B 129 3.49 -3.02 -7.93
N VAL B 130 3.43 -3.72 -6.79
CA VAL B 130 2.15 -3.92 -6.12
C VAL B 130 2.24 -3.53 -4.67
N PHE B 131 1.24 -2.76 -4.20
CA PHE B 131 0.92 -2.66 -2.77
C PHE B 131 -0.21 -3.65 -2.52
N ASP B 132 0.04 -4.67 -1.70
CA ASP B 132 -1.02 -5.58 -1.29
C ASP B 132 -1.80 -4.95 -0.13
N ILE B 133 -3.11 -4.88 -0.27
CA ILE B 133 -3.93 -4.15 0.70
C ILE B 133 -4.99 -5.09 1.20
N GLU B 134 -4.89 -5.44 2.49
CA GLU B 134 -5.86 -6.32 3.10
C GLU B 134 -6.85 -5.46 3.90
N VAL B 135 -8.14 -5.60 3.59
CA VAL B 135 -9.17 -4.72 4.10
C VAL B 135 -10.11 -5.47 5.04
N ALA B 136 -10.20 -5.01 6.29
CA ALA B 136 -11.12 -5.63 7.24
C ALA B 136 -12.52 -5.04 7.08
N ALA B 137 -13.15 -5.39 5.97
CA ALA B 137 -14.52 -4.98 5.73
C ALA B 137 -15.22 -6.05 4.91
N THR B 138 -16.28 -6.60 5.47
CA THR B 138 -17.09 -7.57 4.72
C THR B 138 -18.36 -6.90 4.19
N ASP B 139 -18.74 -5.78 4.80
CA ASP B 139 -19.88 -4.99 4.31
C ASP B 139 -19.51 -4.37 2.97
N VAL B 140 -20.36 -4.55 1.97
CA VAL B 140 -20.05 -4.03 0.63
C VAL B 140 -19.84 -2.51 0.61
N ASP B 141 -20.66 -1.79 1.36
CA ASP B 141 -20.57 -0.33 1.37
C ASP B 141 -19.29 0.13 2.07
N VAL B 142 -18.98 -0.47 3.22
CA VAL B 142 -17.72 -0.15 3.92
C VAL B 142 -16.53 -0.40 3.00
N PHE B 143 -16.52 -1.56 2.37
CA PHE B 143 -15.40 -1.95 1.51
C PHE B 143 -15.25 -1.00 0.33
N CYS B 144 -16.35 -0.74 -0.37
CA CYS B 144 -16.30 0.14 -1.54
C CYS B 144 -15.96 1.57 -1.16
N ASN B 145 -16.50 2.03 -0.02
CA ASN B 145 -16.20 3.39 0.41
C ASN B 145 -14.71 3.53 0.73
N ALA B 146 -14.11 2.49 1.31
CA ALA B 146 -12.71 2.58 1.69
C ALA B 146 -11.79 2.53 0.46
N VAL B 147 -12.12 1.68 -0.50
CA VAL B 147 -11.26 1.46 -1.65
C VAL B 147 -11.35 2.64 -2.63
N ARG B 148 -12.55 3.16 -2.82
CA ARG B 148 -12.76 4.21 -3.81
C ARG B 148 -11.79 5.36 -3.59
N VAL B 149 -11.59 5.71 -2.34
CA VAL B 149 -10.84 6.93 -2.05
C VAL B 149 -9.33 6.68 -2.09
N LEU B 150 -8.91 5.45 -2.36
CA LEU B 150 -7.49 5.19 -2.55
C LEU B 150 -7.01 5.47 -3.96
N GLU B 151 -7.93 5.81 -4.85
CA GLU B 151 -7.56 6.01 -6.25
C GLU B 151 -6.31 6.89 -6.51
N PRO B 152 -6.14 8.00 -5.76
CA PRO B 152 -4.96 8.84 -6.04
C PRO B 152 -3.63 8.10 -5.93
N THR B 153 -3.62 7.01 -5.16
CA THR B 153 -2.39 6.25 -4.92
C THR B 153 -1.97 5.38 -6.12
N PHE B 154 -2.97 4.86 -6.84
CA PHE B 154 -2.74 3.71 -7.69
C PHE B 154 -3.01 3.92 -9.17
N GLY B 155 -2.31 3.13 -9.99
CA GLY B 155 -2.58 3.12 -11.41
C GLY B 155 -3.67 2.13 -11.79
N GLY B 156 -3.91 1.16 -10.90
CA GLY B 156 -4.98 0.21 -11.14
C GLY B 156 -5.27 -0.58 -9.89
N ILE B 157 -6.42 -1.23 -9.87
CA ILE B 157 -6.85 -2.05 -8.74
C ILE B 157 -7.16 -3.46 -9.21
N ASN B 158 -6.46 -4.45 -8.63
CA ASN B 158 -6.77 -5.84 -8.84
C ASN B 158 -7.47 -6.37 -7.58
N LEU B 159 -8.77 -6.59 -7.67
CA LEU B 159 -9.51 -7.15 -6.56
C LEU B 159 -9.22 -8.63 -6.55
N GLU B 160 -9.10 -9.21 -5.37
CA GLU B 160 -8.66 -10.60 -5.24
C GLU B 160 -9.32 -11.28 -4.08
N ASP B 161 -9.75 -12.53 -4.27
CA ASP B 161 -10.17 -13.39 -3.17
C ASP B 161 -11.22 -12.75 -2.27
N ILE B 162 -12.23 -12.20 -2.95
CA ILE B 162 -13.43 -11.68 -2.33
C ILE B 162 -14.59 -12.61 -2.69
N LYS B 163 -15.34 -13.06 -1.70
CA LYS B 163 -16.32 -14.11 -1.98
C LYS B 163 -17.48 -13.65 -2.86
N ALA B 164 -18.02 -14.56 -3.66
CA ALA B 164 -19.30 -14.34 -4.32
C ALA B 164 -20.41 -14.56 -3.28
N PRO B 165 -21.54 -13.86 -3.44
CA PRO B 165 -21.85 -12.96 -4.54
C PRO B 165 -21.43 -11.51 -4.30
N GLU B 166 -20.93 -11.20 -3.10
CA GLU B 166 -20.46 -9.84 -2.80
C GLU B 166 -19.47 -9.31 -3.85
N CYS B 167 -18.62 -10.17 -4.39
CA CYS B 167 -17.60 -9.70 -5.33
C CYS B 167 -18.22 -9.11 -6.60
N PHE B 168 -19.38 -9.62 -7.00
CA PHE B 168 -20.02 -9.09 -8.21
C PHE B 168 -20.47 -7.65 -8.00
N GLU B 169 -21.08 -7.38 -6.86
CA GLU B 169 -21.53 -6.02 -6.55
C GLU B 169 -20.35 -5.06 -6.34
N ILE B 170 -19.34 -5.55 -5.62
CA ILE B 170 -18.17 -4.74 -5.29
C ILE B 170 -17.45 -4.32 -6.57
N GLU B 171 -17.20 -5.28 -7.46
CA GLU B 171 -16.46 -4.97 -8.66
C GLU B 171 -17.25 -3.98 -9.52
N GLU B 172 -18.54 -4.24 -9.69
CA GLU B 172 -19.34 -3.39 -10.56
C GLU B 172 -19.41 -1.98 -9.99
N ARG B 173 -19.52 -1.86 -8.67
CA ARG B 173 -19.64 -0.53 -8.08
C ARG B 173 -18.33 0.24 -8.23
N LEU B 174 -17.23 -0.40 -7.89
CA LEU B 174 -15.91 0.25 -7.99
C LEU B 174 -15.56 0.57 -9.44
N LYS B 175 -16.00 -0.25 -10.38
CA LYS B 175 -15.71 0.05 -11.79
C LYS B 175 -16.43 1.35 -12.17
N LYS B 176 -17.66 1.49 -11.69
CA LYS B 176 -18.43 2.71 -11.96
C LYS B 176 -17.87 3.92 -11.23
N GLU B 177 -17.40 3.75 -10.00
CA GLU B 177 -17.04 4.90 -9.18
C GLU B 177 -15.61 5.38 -9.35
N MET B 178 -14.72 4.48 -9.72
CA MET B 178 -13.30 4.82 -9.85
C MET B 178 -12.92 5.13 -11.30
N ASN B 179 -11.91 5.96 -11.49
CA ASN B 179 -11.47 6.30 -12.82
C ASN B 179 -10.11 5.73 -13.19
N ILE B 180 -9.81 4.62 -12.55
CA ILE B 180 -8.64 3.81 -12.89
C ILE B 180 -9.18 2.40 -13.05
N PRO B 181 -8.40 1.54 -13.74
CA PRO B 181 -8.88 0.18 -13.98
C PRO B 181 -9.16 -0.56 -12.69
N VAL B 182 -10.28 -1.28 -12.65
CA VAL B 182 -10.65 -2.14 -11.53
C VAL B 182 -10.99 -3.52 -12.13
N PHE B 183 -10.38 -4.57 -11.60
CA PHE B 183 -10.44 -5.87 -12.23
C PHE B 183 -10.35 -6.94 -11.17
N HIS B 184 -11.36 -7.80 -11.09
CA HIS B 184 -11.35 -8.88 -10.12
C HIS B 184 -10.88 -10.14 -10.81
N ASP B 185 -9.64 -10.53 -10.55
CA ASP B 185 -9.01 -11.59 -11.30
C ASP B 185 -9.72 -12.92 -11.16
N ASP B 186 -10.25 -13.22 -9.98
CA ASP B 186 -10.92 -14.50 -9.77
C ASP B 186 -12.10 -14.67 -10.72
N GLN B 187 -12.69 -13.55 -11.04
CA GLN B 187 -13.76 -13.59 -12.00
C GLN B 187 -13.21 -13.69 -13.39
N HIS B 188 -12.59 -12.64 -13.84
CA HIS B 188 -12.22 -12.49 -15.24
C HIS B 188 -10.93 -12.99 -15.78
N GLY B 189 -9.97 -13.22 -14.91
CA GLY B 189 -8.70 -13.73 -15.37
C GLY B 189 -8.90 -15.14 -15.82
N THR B 190 -9.67 -15.84 -15.05
CA THR B 190 -10.00 -17.16 -15.32
C THR B 190 -10.81 -17.33 -16.62
N ALA B 191 -11.75 -16.41 -16.81
CA ALA B 191 -12.57 -16.43 -18.00
C ALA B 191 -11.72 -16.19 -19.26
N ILE B 192 -10.76 -15.31 -19.14
CA ILE B 192 -9.90 -14.94 -20.27
C ILE B 192 -9.01 -16.12 -20.73
N VAL B 193 -8.37 -16.78 -19.78
CA VAL B 193 -7.47 -17.87 -20.12
C VAL B 193 -8.26 -19.09 -20.58
N SER B 194 -9.35 -19.40 -19.89
CA SER B 194 -10.15 -20.53 -20.32
C SER B 194 -10.83 -20.27 -21.67
N GLY B 195 -11.22 -19.02 -21.93
CA GLY B 195 -11.81 -18.67 -23.22
C GLY B 195 -10.83 -18.88 -24.36
N ALA B 196 -9.59 -18.45 -24.14
CA ALA B 196 -8.53 -18.65 -25.10
C ALA B 196 -8.32 -20.15 -25.36
N ALA B 197 -8.24 -20.92 -24.29
CA ALA B 197 -8.08 -22.37 -24.43
C ALA B 197 -9.25 -22.98 -25.22
N LEU B 198 -10.46 -22.52 -24.94
CA LEU B 198 -11.65 -23.09 -25.56
C LEU B 198 -11.71 -22.78 -27.04
N LEU B 199 -11.41 -21.52 -27.42
CA LEU B 199 -11.32 -21.18 -28.82
C LEU B 199 -10.40 -22.13 -29.55
N ASN B 200 -9.27 -22.44 -28.93
CA ASN B 200 -8.27 -23.28 -29.59
C ASN B 200 -8.70 -24.74 -29.63
N ALA B 201 -9.34 -25.18 -28.56
CA ALA B 201 -9.85 -26.54 -28.52
C ALA B 201 -10.91 -26.70 -29.59
N CYS B 202 -11.76 -25.69 -29.71
CA CYS B 202 -12.77 -25.71 -30.77
C CYS B 202 -12.14 -25.76 -32.15
N SER B 203 -11.07 -25.00 -32.35
CA SER B 203 -10.40 -24.96 -33.64
C SER B 203 -9.82 -26.33 -33.98
N ILE B 204 -9.14 -26.92 -32.99
CA ILE B 204 -8.48 -28.21 -33.15
C ILE B 204 -9.49 -29.30 -33.51
N THR B 205 -10.72 -29.17 -33.01
CA THR B 205 -11.73 -30.19 -33.26
C THR B 205 -12.75 -29.75 -34.31
N ASN B 206 -12.43 -28.71 -35.08
CA ASN B 206 -13.30 -28.24 -36.14
C ASN B 206 -14.69 -27.87 -35.67
N ARG B 207 -14.76 -27.20 -34.53
CA ARG B 207 -16.03 -26.77 -33.97
C ARG B 207 -16.24 -25.28 -34.19
N LYS B 208 -17.51 -24.88 -34.23
CA LYS B 208 -17.89 -23.47 -34.21
C LYS B 208 -18.48 -23.15 -32.85
N MET B 209 -18.08 -22.02 -32.27
CA MET B 209 -18.59 -21.59 -30.97
C MET B 209 -20.11 -21.50 -30.95
N GLU B 210 -20.70 -21.11 -32.08
CA GLU B 210 -22.13 -20.92 -32.19
C GLU B 210 -22.92 -22.21 -31.94
N THR B 211 -22.30 -23.35 -32.13
CA THR B 211 -23.01 -24.62 -32.00
C THR B 211 -22.50 -25.50 -30.87
N VAL B 212 -21.41 -25.09 -30.21
CA VAL B 212 -20.83 -25.92 -29.15
C VAL B 212 -21.71 -25.95 -27.92
N ARG B 213 -21.92 -27.16 -27.40
CA ARG B 213 -22.72 -27.39 -26.20
C ARG B 213 -21.82 -27.51 -24.98
N ILE B 214 -21.99 -26.60 -24.03
CA ILE B 214 -21.09 -26.47 -22.88
C ILE B 214 -21.77 -26.72 -21.54
N VAL B 215 -21.14 -27.53 -20.70
CA VAL B 215 -21.62 -27.73 -19.33
C VAL B 215 -20.60 -27.12 -18.36
N VAL B 216 -21.06 -26.21 -17.51
CA VAL B 216 -20.18 -25.59 -16.52
C VAL B 216 -20.54 -26.13 -15.15
N ASN B 217 -19.57 -26.75 -14.51
CA ASN B 217 -19.80 -27.33 -13.19
C ASN B 217 -19.26 -26.38 -12.15
N GLY B 218 -20.16 -25.75 -11.42
CA GLY B 218 -19.79 -24.66 -10.54
C GLY B 218 -20.51 -23.41 -10.99
N ALA B 219 -20.87 -22.56 -10.03
CA ALA B 219 -21.61 -21.35 -10.31
C ALA B 219 -21.09 -20.19 -9.45
N GLY B 220 -19.81 -20.23 -9.12
CA GLY B 220 -19.22 -19.24 -8.26
C GLY B 220 -18.65 -18.05 -8.99
N ALA B 221 -17.70 -17.40 -8.34
CA ALA B 221 -17.04 -16.22 -8.89
C ALA B 221 -16.49 -16.45 -10.30
N SER B 222 -15.82 -17.59 -10.52
CA SER B 222 -15.17 -17.80 -11.81
C SER B 222 -16.12 -18.36 -12.86
N ALA B 223 -17.06 -19.21 -12.44
CA ALA B 223 -17.95 -19.86 -13.41
C ALA B 223 -18.82 -18.82 -14.09
N ASN B 224 -19.22 -17.83 -13.31
CA ASN B 224 -20.07 -16.77 -13.81
C ASN B 224 -19.41 -16.03 -14.98
N SER B 225 -18.17 -15.61 -14.76
CA SER B 225 -17.42 -14.85 -15.75
C SER B 225 -17.07 -15.71 -16.96
N CYS B 226 -16.68 -16.96 -16.72
CA CYS B 226 -16.36 -17.88 -17.82
C CYS B 226 -17.58 -18.08 -18.74
N ALA B 227 -18.74 -18.34 -18.16
CA ALA B 227 -19.95 -18.52 -18.95
C ALA B 227 -20.23 -17.29 -19.81
N LYS B 228 -20.14 -16.11 -19.20
CA LYS B 228 -20.35 -14.84 -19.88
C LYS B 228 -19.36 -14.59 -21.02
N ILE B 229 -18.09 -14.96 -20.84
CA ILE B 229 -17.16 -14.74 -21.91
C ILE B 229 -17.33 -15.75 -23.05
N PHE B 230 -17.76 -16.95 -22.73
CA PHE B 230 -18.01 -17.93 -23.77
C PHE B 230 -19.08 -17.38 -24.71
N ILE B 231 -20.13 -16.82 -24.13
CA ILE B 231 -21.20 -16.19 -24.92
C ILE B 231 -20.64 -15.05 -25.75
N ALA B 232 -19.76 -14.26 -25.14
CA ALA B 232 -19.16 -13.10 -25.80
C ALA B 232 -18.30 -13.53 -26.97
N LEU B 233 -17.73 -14.74 -26.87
CA LEU B 233 -16.88 -15.27 -27.92
C LEU B 233 -17.68 -16.01 -29.00
N GLY B 234 -18.99 -16.09 -28.83
CA GLY B 234 -19.84 -16.65 -29.87
C GLY B 234 -20.72 -17.81 -29.48
N ALA B 235 -20.66 -18.23 -28.22
CA ALA B 235 -21.51 -19.33 -27.77
C ALA B 235 -22.92 -18.81 -27.52
N ARG B 236 -23.89 -19.71 -27.63
CA ARG B 236 -25.28 -19.36 -27.33
C ARG B 236 -25.65 -19.78 -25.90
N ARG B 237 -26.44 -18.94 -25.24
CA ARG B 237 -26.88 -19.20 -23.88
C ARG B 237 -27.60 -20.54 -23.77
N GLU B 238 -28.37 -20.87 -24.79
CA GLU B 238 -29.16 -22.10 -24.81
C GLU B 238 -28.27 -23.34 -24.91
N ASN B 239 -27.03 -23.15 -25.34
CA ASN B 239 -26.09 -24.25 -25.50
C ASN B 239 -25.21 -24.43 -24.25
N ILE B 240 -25.48 -23.63 -23.22
CA ILE B 240 -24.72 -23.69 -21.98
C ILE B 240 -25.62 -24.12 -20.83
N ILE B 241 -25.25 -25.20 -20.15
CA ILE B 241 -25.92 -25.62 -18.93
C ILE B 241 -24.98 -25.44 -17.73
N MET B 242 -25.43 -24.79 -16.67
CA MET B 242 -24.65 -24.57 -15.46
C MET B 242 -25.14 -25.41 -14.32
N CYS B 243 -24.23 -26.03 -13.61
CA CYS B 243 -24.56 -26.87 -12.47
C CYS B 243 -23.94 -26.34 -11.20
N ASP B 244 -24.51 -26.68 -10.05
CA ASP B 244 -23.92 -26.28 -8.80
C ASP B 244 -23.92 -27.41 -7.80
N SER B 245 -23.82 -27.08 -6.53
CA SER B 245 -23.76 -28.08 -5.47
C SER B 245 -25.02 -28.87 -5.35
N GLN B 246 -26.07 -28.38 -5.97
CA GLN B 246 -27.35 -29.04 -5.91
C GLN B 246 -27.81 -29.46 -7.28
N GLY B 247 -26.88 -29.60 -8.21
CA GLY B 247 -27.23 -30.03 -9.55
C GLY B 247 -27.45 -29.00 -10.63
N VAL B 248 -28.17 -29.39 -11.68
CA VAL B 248 -28.43 -28.48 -12.77
C VAL B 248 -29.19 -27.25 -12.30
N ILE B 249 -28.74 -26.08 -12.73
CA ILE B 249 -29.51 -24.86 -12.55
C ILE B 249 -30.54 -24.73 -13.67
N TYR B 250 -31.75 -25.19 -13.41
CA TYR B 250 -32.79 -25.17 -14.43
C TYR B 250 -33.75 -24.01 -14.22
N LYS B 251 -34.33 -23.53 -15.31
CA LYS B 251 -35.26 -22.42 -15.23
C LYS B 251 -36.50 -22.87 -14.47
N GLY B 252 -36.88 -22.08 -13.47
CA GLY B 252 -38.00 -22.42 -12.61
C GLY B 252 -37.53 -22.84 -11.23
N ARG B 253 -36.32 -23.40 -11.16
CA ARG B 253 -35.73 -23.84 -9.89
C ARG B 253 -35.64 -22.69 -8.90
N THR B 254 -35.72 -23.00 -7.61
CA THR B 254 -35.67 -21.96 -6.57
C THR B 254 -34.67 -22.25 -5.46
N ALA B 255 -34.38 -23.53 -5.22
CA ALA B 255 -33.41 -23.90 -4.19
C ALA B 255 -32.02 -23.36 -4.51
N GLY B 256 -31.43 -22.65 -3.55
CA GLY B 256 -30.07 -22.14 -3.67
C GLY B 256 -29.86 -21.17 -4.82
N MET B 257 -30.94 -20.52 -5.23
CA MET B 257 -30.88 -19.63 -6.40
C MET B 257 -30.57 -18.19 -6.03
N ASN B 258 -30.08 -17.43 -7.00
CA ASN B 258 -29.90 -15.99 -6.85
C ASN B 258 -29.95 -15.28 -8.20
N LYS B 259 -29.86 -13.96 -8.16
CA LYS B 259 -29.88 -13.12 -9.35
C LYS B 259 -28.88 -13.57 -10.42
N TYR B 260 -27.73 -14.02 -9.98
CA TYR B 260 -26.65 -14.36 -10.91
C TYR B 260 -26.82 -15.77 -11.48
N LYS B 261 -27.21 -16.72 -10.63
CA LYS B 261 -27.50 -18.07 -11.09
C LYS B 261 -28.72 -18.07 -12.01
N GLU B 262 -29.64 -17.15 -11.77
CA GLU B 262 -30.86 -17.08 -12.56
C GLU B 262 -30.54 -16.82 -14.02
N TYR B 263 -29.55 -15.98 -14.27
CA TYR B 263 -29.19 -15.61 -15.63
C TYR B 263 -28.87 -16.82 -16.50
N PHE B 264 -28.30 -17.85 -15.89
CA PHE B 264 -27.86 -19.02 -16.66
C PHE B 264 -28.79 -20.23 -16.50
N ALA B 265 -29.92 -20.02 -15.82
CA ALA B 265 -30.92 -21.06 -15.69
C ALA B 265 -31.31 -21.55 -17.07
N SER B 266 -31.27 -22.86 -17.26
CA SER B 266 -31.44 -23.43 -18.59
C SER B 266 -32.76 -24.19 -18.72
N GLU B 267 -33.30 -24.17 -19.93
CA GLU B 267 -34.59 -24.79 -20.22
C GLU B 267 -34.47 -26.31 -20.27
N THR B 268 -33.26 -26.80 -20.06
CA THR B 268 -32.97 -28.23 -20.15
C THR B 268 -33.89 -29.07 -19.27
N GLU B 269 -33.93 -30.36 -19.58
CA GLU B 269 -34.72 -31.32 -18.85
C GLU B 269 -33.79 -32.05 -17.88
N ALA B 270 -32.49 -31.90 -18.12
CA ALA B 270 -31.49 -32.55 -17.27
C ALA B 270 -31.54 -31.98 -15.86
N ARG B 271 -31.22 -32.81 -14.89
CA ARG B 271 -31.22 -32.37 -13.49
C ARG B 271 -29.90 -32.73 -12.83
N THR B 272 -29.23 -33.73 -13.38
CA THR B 272 -27.93 -34.15 -12.85
C THR B 272 -26.82 -33.73 -13.80
N LEU B 273 -25.61 -33.59 -13.26
CA LEU B 273 -24.43 -33.34 -14.06
C LEU B 273 -24.27 -34.41 -15.14
N THR B 274 -24.56 -35.65 -14.76
CA THR B 274 -24.53 -36.78 -15.68
C THR B 274 -25.47 -36.57 -16.86
N GLU B 275 -26.66 -36.08 -16.57
CA GLU B 275 -27.66 -35.84 -17.61
C GLU B 275 -27.23 -34.71 -18.52
N ALA B 276 -26.73 -33.64 -17.92
CA ALA B 276 -26.29 -32.47 -18.67
C ALA B 276 -25.18 -32.80 -19.67
N LEU B 277 -24.31 -33.74 -19.31
CA LEU B 277 -23.16 -34.11 -20.13
C LEU B 277 -23.50 -34.97 -21.34
N ARG B 278 -24.74 -35.45 -21.41
CA ARG B 278 -25.17 -36.28 -22.53
C ARG B 278 -25.08 -35.54 -23.85
N GLY B 279 -24.10 -35.94 -24.67
CA GLY B 279 -23.91 -35.34 -25.96
C GLY B 279 -23.28 -33.95 -25.91
N ALA B 280 -22.82 -33.55 -24.73
CA ALA B 280 -22.18 -32.25 -24.57
C ALA B 280 -20.81 -32.27 -25.23
N ASP B 281 -20.36 -31.09 -25.66
CA ASP B 281 -19.04 -30.94 -26.30
C ASP B 281 -17.96 -30.54 -25.31
N VAL B 282 -18.34 -29.77 -24.30
CA VAL B 282 -17.37 -29.18 -23.38
C VAL B 282 -17.80 -29.30 -21.92
N PHE B 283 -16.89 -29.78 -21.07
CA PHE B 283 -17.04 -29.73 -19.62
C PHE B 283 -16.10 -28.68 -19.07
N VAL B 284 -16.66 -27.71 -18.34
CA VAL B 284 -15.84 -26.71 -17.68
C VAL B 284 -16.00 -26.86 -16.16
N GLY B 285 -14.96 -27.36 -15.52
CA GLY B 285 -15.02 -27.68 -14.11
C GLY B 285 -14.45 -26.58 -13.25
N LEU B 286 -15.33 -25.96 -12.46
CA LEU B 286 -14.93 -24.87 -11.58
C LEU B 286 -15.66 -25.07 -10.26
N SER B 287 -15.48 -26.27 -9.71
CA SER B 287 -16.19 -26.70 -8.53
C SER B 287 -15.21 -27.27 -7.50
N VAL B 288 -15.17 -28.59 -7.40
CA VAL B 288 -14.37 -29.25 -6.38
C VAL B 288 -13.86 -30.60 -6.89
N ALA B 289 -12.77 -31.07 -6.31
CA ALA B 289 -12.13 -32.32 -6.70
C ALA B 289 -13.11 -33.47 -6.80
N GLY B 290 -12.88 -34.36 -7.76
CA GLY B 290 -13.64 -35.59 -7.87
C GLY B 290 -15.00 -35.49 -8.55
N ALA B 291 -15.54 -34.29 -8.58
CA ALA B 291 -16.86 -34.03 -9.12
C ALA B 291 -17.22 -34.65 -10.44
N LEU B 292 -16.22 -35.08 -11.17
CA LEU B 292 -16.46 -35.65 -12.50
C LEU B 292 -15.79 -36.99 -12.60
N THR B 293 -16.60 -38.00 -12.89
CA THR B 293 -16.17 -39.38 -13.06
C THR B 293 -16.26 -39.81 -14.51
N PRO B 294 -15.53 -40.87 -14.85
CA PRO B 294 -15.44 -41.52 -16.14
C PRO B 294 -16.76 -41.95 -16.78
N GLU B 295 -17.73 -42.30 -15.95
CA GLU B 295 -19.02 -42.74 -16.41
C GLU B 295 -19.74 -41.59 -17.05
N MET B 296 -19.59 -40.42 -16.42
CA MET B 296 -20.14 -39.17 -16.94
C MET B 296 -19.45 -38.92 -18.28
N LEU B 297 -18.14 -39.14 -18.34
CA LEU B 297 -17.48 -38.99 -19.63
C LEU B 297 -17.97 -39.82 -20.80
N LYS B 298 -18.31 -41.08 -20.61
CA LYS B 298 -18.68 -41.86 -21.81
C LYS B 298 -19.73 -41.37 -22.84
N ASP B 299 -20.73 -40.62 -22.43
CA ASP B 299 -21.77 -40.07 -23.27
C ASP B 299 -21.51 -38.71 -23.80
N MET B 300 -20.33 -38.17 -23.58
CA MET B 300 -20.01 -36.89 -24.21
C MET B 300 -19.79 -37.07 -25.70
N ALA B 301 -19.90 -35.98 -26.45
CA ALA B 301 -19.72 -36.01 -27.90
C ALA B 301 -18.30 -36.41 -28.27
N LYS B 302 -18.12 -36.86 -29.53
CA LYS B 302 -16.78 -37.18 -30.03
C LYS B 302 -15.84 -36.01 -29.82
N ASP B 303 -14.60 -36.32 -29.47
CA ASP B 303 -13.60 -35.29 -29.17
C ASP B 303 -14.07 -34.35 -28.06
N PRO B 304 -14.42 -34.91 -26.89
CA PRO B 304 -14.89 -34.08 -25.79
C PRO B 304 -13.78 -33.19 -25.25
N ILE B 305 -14.16 -31.97 -24.86
CA ILE B 305 -13.22 -30.99 -24.34
C ILE B 305 -13.46 -30.86 -22.85
N ILE B 306 -12.43 -31.19 -22.07
CA ILE B 306 -12.57 -31.27 -20.62
C ILE B 306 -11.60 -30.34 -19.91
N PHE B 307 -12.13 -29.25 -19.36
CA PHE B 307 -11.36 -28.33 -18.52
C PHE B 307 -11.68 -28.67 -17.05
N ALA B 308 -10.76 -29.36 -16.37
CA ALA B 308 -10.98 -29.73 -14.99
C ALA B 308 -10.11 -28.87 -14.08
N MET B 309 -10.67 -27.74 -13.64
CA MET B 309 -9.86 -26.69 -13.04
C MET B 309 -9.98 -26.62 -11.52
N ALA B 310 -10.59 -27.59 -10.91
CA ALA B 310 -10.64 -27.51 -9.46
C ALA B 310 -9.24 -27.67 -8.86
N ASN B 311 -8.90 -26.78 -7.95
CA ASN B 311 -7.64 -26.83 -7.28
C ASN B 311 -7.86 -27.58 -5.98
N PRO B 312 -6.86 -27.60 -5.02
CA PRO B 312 -5.68 -28.14 -5.73
C PRO B 312 -5.87 -29.48 -6.45
N GLU B 313 -7.00 -30.15 -6.38
CA GLU B 313 -7.16 -31.40 -7.11
C GLU B 313 -8.31 -31.30 -8.11
N PRO B 314 -8.06 -31.75 -9.41
CA PRO B 314 -9.13 -31.52 -10.38
C PRO B 314 -10.38 -32.34 -10.35
N GLU B 315 -11.38 -31.90 -11.05
CA GLU B 315 -12.60 -32.66 -11.13
C GLU B 315 -12.30 -34.05 -11.56
N ILE B 316 -11.26 -34.22 -12.36
CA ILE B 316 -10.79 -35.51 -12.87
C ILE B 316 -9.34 -35.44 -13.30
N THR B 317 -8.70 -36.56 -13.55
CA THR B 317 -7.32 -36.51 -14.02
C THR B 317 -7.26 -36.78 -15.52
N PRO B 318 -6.26 -36.20 -16.20
CA PRO B 318 -6.09 -36.41 -17.64
C PRO B 318 -5.95 -37.90 -17.97
N ASP B 319 -5.34 -38.65 -17.07
CA ASP B 319 -5.18 -40.09 -17.27
C ASP B 319 -6.49 -40.84 -17.16
N LYS B 320 -7.24 -40.59 -16.08
CA LYS B 320 -8.57 -41.18 -15.94
C LYS B 320 -9.45 -40.76 -17.11
N ALA B 321 -9.27 -39.52 -17.57
CA ALA B 321 -10.04 -39.01 -18.69
C ALA B 321 -9.63 -39.68 -20.00
N ARG B 322 -8.33 -39.78 -20.25
CA ARG B 322 -7.84 -40.45 -21.46
C ARG B 322 -8.19 -41.94 -21.48
N ALA B 323 -8.26 -42.52 -20.29
CA ALA B 323 -8.64 -43.93 -20.17
C ALA B 323 -10.09 -44.14 -20.58
N ALA B 324 -10.97 -43.27 -20.07
CA ALA B 324 -12.39 -43.36 -20.41
C ALA B 324 -12.64 -42.87 -21.83
N ARG B 325 -11.88 -41.87 -22.26
CA ARG B 325 -12.06 -41.27 -23.58
C ARG B 325 -10.74 -40.89 -24.23
N PRO B 326 -10.16 -41.81 -25.02
CA PRO B 326 -8.90 -41.53 -25.71
C PRO B 326 -8.94 -40.30 -26.61
N ASP B 327 -10.15 -39.88 -26.98
CA ASP B 327 -10.31 -38.74 -27.89
C ASP B 327 -10.53 -37.44 -27.13
N ALA B 328 -10.40 -37.49 -25.81
CA ALA B 328 -10.62 -36.29 -25.00
C ALA B 328 -9.48 -35.30 -25.10
N ILE B 329 -9.85 -34.02 -25.04
CA ILE B 329 -8.87 -32.93 -24.89
C ILE B 329 -9.01 -32.41 -23.46
N ILE B 330 -7.89 -32.37 -22.75
CA ILE B 330 -7.92 -32.06 -21.32
C ILE B 330 -7.02 -30.89 -20.93
N ALA B 331 -7.58 -29.96 -20.16
CA ALA B 331 -6.86 -28.85 -19.52
C ALA B 331 -7.19 -28.90 -18.02
N THR B 332 -6.28 -28.43 -17.17
CA THR B 332 -6.58 -28.41 -15.73
C THR B 332 -5.99 -27.13 -15.13
N GLY B 333 -6.09 -26.97 -13.82
CA GLY B 333 -5.45 -25.84 -13.16
C GLY B 333 -4.01 -26.08 -12.70
N ARG B 334 -3.51 -27.29 -12.96
CA ARG B 334 -2.22 -27.76 -12.45
C ARG B 334 -1.06 -27.62 -13.43
N SER B 335 0.10 -27.23 -12.95
CA SER B 335 1.25 -27.10 -13.79
C SER B 335 1.90 -28.43 -14.09
N ASP B 336 1.48 -29.47 -13.41
CA ASP B 336 2.10 -30.76 -13.70
C ASP B 336 1.40 -31.57 -14.78
N TYR B 337 0.40 -30.99 -15.40
CA TYR B 337 -0.27 -31.60 -16.52
C TYR B 337 -0.27 -30.61 -17.67
N PRO B 338 -0.43 -31.09 -18.88
CA PRO B 338 -0.49 -30.15 -20.01
C PRO B 338 -1.68 -29.17 -19.99
N ASN B 339 -1.55 -28.08 -20.71
CA ASN B 339 -2.69 -27.18 -20.88
C ASN B 339 -3.16 -26.59 -19.55
N GLN B 340 -2.24 -26.00 -18.81
CA GLN B 340 -2.64 -25.39 -17.55
C GLN B 340 -3.39 -24.09 -17.82
N VAL B 341 -4.60 -24.00 -17.28
CA VAL B 341 -5.36 -22.77 -17.35
C VAL B 341 -4.89 -21.94 -16.16
N ASN B 342 -3.77 -21.26 -16.37
CA ASN B 342 -3.10 -20.52 -15.31
C ASN B 342 -3.46 -19.05 -15.43
N ASN B 343 -4.05 -18.47 -14.39
CA ASN B 343 -4.43 -17.06 -14.42
C ASN B 343 -3.29 -16.08 -14.66
N VAL B 344 -2.06 -16.49 -14.33
CA VAL B 344 -0.90 -15.64 -14.55
C VAL B 344 -0.68 -15.31 -16.03
N LEU B 345 -1.34 -16.02 -16.94
CA LEU B 345 -1.29 -15.69 -18.35
C LEU B 345 -2.04 -14.41 -18.68
N GLY B 346 -2.93 -14.00 -17.78
CA GLY B 346 -3.80 -12.86 -18.04
C GLY B 346 -3.49 -11.55 -17.32
N PHE B 347 -3.74 -11.50 -16.01
CA PHE B 347 -3.67 -10.23 -15.27
C PHE B 347 -2.36 -9.44 -15.46
N PRO B 348 -1.19 -10.11 -15.54
CA PRO B 348 0.01 -9.27 -15.65
C PRO B 348 0.00 -8.44 -16.95
N SER B 349 -0.21 -9.08 -18.10
CA SER B 349 -0.28 -8.34 -19.36
C SER B 349 -1.47 -7.41 -19.42
N ILE B 350 -2.61 -7.82 -18.84
CA ILE B 350 -3.80 -6.97 -18.89
C ILE B 350 -3.52 -5.65 -18.20
N PHE B 351 -2.89 -5.70 -17.02
CA PHE B 351 -2.59 -4.45 -16.33
C PHE B 351 -1.42 -3.73 -16.99
N ARG B 352 -0.47 -4.48 -17.56
CA ARG B 352 0.62 -3.81 -18.28
C ARG B 352 0.06 -2.92 -19.39
N GLY B 353 -0.85 -3.47 -20.20
CA GLY B 353 -1.42 -2.73 -21.33
C GLY B 353 -2.23 -1.53 -20.85
N ALA B 354 -2.98 -1.74 -19.79
CA ALA B 354 -3.88 -0.72 -19.25
C ALA B 354 -3.10 0.44 -18.63
N LEU B 355 -2.06 0.08 -17.87
CA LEU B 355 -1.21 1.09 -17.24
C LEU B 355 -0.45 1.89 -18.28
N ASP B 356 0.05 1.22 -19.31
CA ASP B 356 0.95 1.90 -20.22
C ASP B 356 0.18 2.90 -21.09
N THR B 357 -1.12 2.68 -21.23
CA THR B 357 -1.98 3.62 -21.93
C THR B 357 -2.69 4.56 -20.95
N ARG B 358 -2.28 4.53 -19.68
CA ARG B 358 -2.91 5.28 -18.59
C ARG B 358 -4.44 5.23 -18.72
N SER B 359 -4.95 4.02 -18.85
CA SER B 359 -6.37 3.83 -19.12
C SER B 359 -7.20 4.05 -17.86
N THR B 360 -8.47 4.40 -18.08
CA THR B 360 -9.39 4.63 -16.99
C THR B 360 -10.17 3.37 -16.64
N GLN B 361 -10.08 2.36 -17.50
CA GLN B 361 -10.77 1.08 -17.26
C GLN B 361 -10.04 -0.07 -17.90
N ILE B 362 -10.36 -1.28 -17.42
CA ILE B 362 -10.19 -2.49 -18.19
C ILE B 362 -11.59 -2.91 -18.62
N ASN B 363 -11.89 -2.73 -19.90
CA ASN B 363 -13.25 -2.97 -20.38
C ASN B 363 -13.32 -4.30 -21.10
N GLU B 364 -14.50 -4.63 -21.62
CA GLU B 364 -14.69 -5.92 -22.26
C GLU B 364 -13.85 -6.06 -23.52
N GLU B 365 -13.71 -4.98 -24.28
CA GLU B 365 -12.84 -4.98 -25.45
C GLU B 365 -11.43 -5.42 -25.09
N MET B 366 -10.93 -4.90 -23.98
CA MET B 366 -9.59 -5.24 -23.52
C MET B 366 -9.48 -6.71 -23.10
N LYS B 367 -10.50 -7.21 -22.41
CA LYS B 367 -10.51 -8.62 -22.00
C LYS B 367 -10.49 -9.55 -23.21
N LEU B 368 -11.36 -9.25 -24.19
CA LEU B 368 -11.46 -10.05 -25.41
C LEU B 368 -10.16 -10.00 -26.21
N ALA B 369 -9.54 -8.83 -26.26
CA ALA B 369 -8.26 -8.70 -26.95
C ALA B 369 -7.24 -9.65 -26.32
N ALA B 370 -7.24 -9.75 -25.00
CA ALA B 370 -6.33 -10.68 -24.30
C ALA B 370 -6.66 -12.13 -24.61
N VAL B 371 -7.94 -12.46 -24.68
CA VAL B 371 -8.33 -13.82 -25.10
C VAL B 371 -7.72 -14.15 -26.43
N HIS B 372 -7.94 -13.28 -27.40
CA HIS B 372 -7.53 -13.60 -28.76
C HIS B 372 -5.99 -13.63 -28.89
N ALA B 373 -5.31 -12.79 -28.12
CA ALA B 373 -3.84 -12.79 -28.13
C ALA B 373 -3.27 -14.08 -27.57
N LEU B 374 -3.84 -14.57 -26.48
CA LEU B 374 -3.38 -15.81 -25.86
C LEU B 374 -3.62 -16.98 -26.77
N ALA B 375 -4.77 -16.96 -27.41
CA ALA B 375 -5.16 -18.04 -28.28
C ALA B 375 -4.21 -18.11 -29.49
N LYS B 376 -4.02 -16.98 -30.10
CA LYS B 376 -3.16 -16.93 -31.24
C LYS B 376 -1.72 -17.34 -30.91
N LEU B 377 -1.23 -16.91 -29.76
CA LEU B 377 0.16 -17.22 -29.43
C LEU B 377 0.40 -18.73 -29.36
N ALA B 378 -0.56 -19.46 -28.82
CA ALA B 378 -0.41 -20.91 -28.68
C ALA B 378 -0.32 -21.62 -30.04
N ARG B 379 -0.80 -20.95 -31.08
CA ARG B 379 -0.84 -21.56 -32.41
C ARG B 379 0.49 -21.44 -33.15
N GLU B 380 1.39 -20.62 -32.61
CA GLU B 380 2.69 -20.38 -33.25
C GLU B 380 3.69 -21.48 -32.92
N ASP B 381 4.73 -21.60 -33.74
CA ASP B 381 5.85 -22.48 -33.45
C ASP B 381 6.43 -22.06 -32.10
N VAL B 382 6.78 -23.03 -31.27
CA VAL B 382 7.35 -22.73 -29.97
C VAL B 382 8.88 -22.63 -30.03
N PRO B 383 9.44 -21.49 -29.59
CA PRO B 383 10.89 -21.30 -29.67
C PRO B 383 11.66 -22.31 -28.81
N ASP B 384 12.89 -22.60 -29.20
CA ASP B 384 13.74 -23.53 -28.45
C ASP B 384 13.86 -23.10 -26.99
N LYS B 385 13.82 -21.79 -26.78
CA LYS B 385 13.95 -21.18 -25.46
C LYS B 385 12.89 -21.72 -24.50
N VAL B 386 11.66 -21.87 -24.99
CA VAL B 386 10.54 -22.33 -24.14
C VAL B 386 10.70 -23.81 -23.83
N SER B 387 11.04 -24.60 -24.85
CA SER B 387 11.34 -26.01 -24.61
C SER B 387 12.44 -26.19 -23.57
N ALA B 388 13.48 -25.36 -23.63
CA ALA B 388 14.60 -25.50 -22.71
C ALA B 388 14.20 -25.10 -21.30
N THR B 389 13.28 -24.15 -21.20
CA THR B 389 12.74 -23.77 -19.90
C THR B 389 11.99 -24.94 -19.29
N TYR B 390 11.33 -25.73 -20.13
CA TYR B 390 10.58 -26.88 -19.64
C TYR B 390 11.28 -28.22 -19.87
N GLY B 391 12.58 -28.26 -19.60
CA GLY B 391 13.34 -29.50 -19.60
C GLY B 391 13.58 -30.14 -20.95
N GLY B 392 13.38 -29.37 -22.02
CA GLY B 392 13.62 -29.86 -23.35
C GLY B 392 12.40 -30.50 -23.99
N LYS B 393 11.27 -30.40 -23.30
CA LYS B 393 9.99 -30.89 -23.82
C LYS B 393 9.64 -30.21 -25.14
N SER B 394 9.14 -30.98 -26.10
CA SER B 394 8.65 -30.40 -27.34
C SER B 394 7.18 -29.99 -27.22
N PHE B 395 6.85 -28.84 -27.79
CA PHE B 395 5.48 -28.35 -27.78
C PHE B 395 5.06 -27.97 -29.18
N LYS B 396 3.92 -28.50 -29.64
CA LYS B 396 3.34 -27.97 -30.86
C LYS B 396 1.83 -27.92 -30.70
N PHE B 397 1.23 -26.93 -31.34
CA PHE B 397 -0.19 -26.66 -31.16
C PHE B 397 -1.05 -27.89 -31.47
N GLY B 398 -1.87 -28.27 -30.50
CA GLY B 398 -2.75 -29.42 -30.66
C GLY B 398 -3.35 -29.78 -29.32
N ARG B 399 -3.69 -31.05 -29.16
CA ARG B 399 -4.39 -31.48 -27.95
C ARG B 399 -3.53 -31.40 -26.67
N ASP B 400 -2.20 -31.49 -26.81
CA ASP B 400 -1.32 -31.41 -25.64
C ASP B 400 -0.68 -30.03 -25.45
N TYR B 401 -1.13 -29.05 -26.23
CA TYR B 401 -0.59 -27.70 -26.13
C TYR B 401 -1.51 -26.74 -26.85
N LEU B 402 -2.46 -26.15 -26.13
CA LEU B 402 -3.40 -25.25 -26.79
C LEU B 402 -3.54 -23.94 -26.03
N ILE B 403 -2.63 -23.70 -25.11
CA ILE B 403 -2.54 -22.44 -24.39
C ILE B 403 -1.05 -22.21 -24.08
N PRO B 404 -0.60 -20.96 -24.09
CA PRO B 404 0.83 -20.71 -23.85
C PRO B 404 1.30 -21.18 -22.47
N LYS B 405 2.59 -21.53 -22.37
CA LYS B 405 3.17 -21.87 -21.05
C LYS B 405 3.36 -20.58 -20.27
N PRO B 406 3.15 -20.62 -18.94
CA PRO B 406 3.33 -19.44 -18.10
C PRO B 406 4.74 -18.84 -18.18
N PHE B 407 5.78 -19.66 -18.32
CA PHE B 407 7.13 -19.12 -18.35
C PHE B 407 7.61 -18.78 -19.77
N ASP B 408 6.70 -18.71 -20.72
CA ASP B 408 7.01 -18.23 -22.07
C ASP B 408 7.05 -16.70 -22.07
N THR B 409 8.20 -16.10 -22.34
CA THR B 409 8.32 -14.65 -22.33
C THR B 409 7.56 -13.97 -23.47
N ARG B 410 7.08 -14.75 -24.44
CA ARG B 410 6.28 -14.13 -25.49
C ARG B 410 4.93 -13.64 -24.99
N VAL B 411 4.46 -14.16 -23.85
CA VAL B 411 3.09 -13.87 -23.44
C VAL B 411 2.91 -12.35 -23.24
N LEU B 412 3.82 -11.73 -22.49
CA LEU B 412 3.68 -10.28 -22.24
C LEU B 412 3.74 -9.50 -23.56
N LEU B 413 4.61 -9.96 -24.45
CA LEU B 413 4.84 -9.27 -25.71
C LEU B 413 3.63 -9.35 -26.64
N TRP B 414 2.90 -10.45 -26.55
CA TRP B 414 1.70 -10.64 -27.36
C TRP B 414 0.45 -10.02 -26.75
N VAL B 415 0.26 -10.19 -25.45
CA VAL B 415 -0.99 -9.80 -24.83
C VAL B 415 -1.02 -8.32 -24.47
N ALA B 416 0.04 -7.79 -23.87
CA ALA B 416 -0.03 -6.41 -23.42
C ALA B 416 -0.28 -5.43 -24.56
N PRO B 417 0.41 -5.58 -25.71
CA PRO B 417 0.11 -4.59 -26.75
C PRO B 417 -1.31 -4.70 -27.31
N GLU B 418 -1.85 -5.91 -27.37
CA GLU B 418 -3.22 -6.06 -27.84
C GLU B 418 -4.22 -5.42 -26.88
N VAL B 419 -3.96 -5.55 -25.58
CA VAL B 419 -4.80 -4.86 -24.58
C VAL B 419 -4.68 -3.33 -24.75
N ALA B 420 -3.45 -2.86 -24.94
CA ALA B 420 -3.20 -1.43 -25.14
C ALA B 420 -3.93 -0.92 -26.38
N LYS B 421 -3.90 -1.69 -27.46
CA LYS B 421 -4.57 -1.26 -28.69
C LYS B 421 -6.08 -1.25 -28.48
N ALA B 422 -6.58 -2.20 -27.71
CA ALA B 422 -8.01 -2.25 -27.43
C ALA B 422 -8.42 -1.05 -26.58
N ALA B 423 -7.55 -0.64 -25.65
CA ALA B 423 -7.86 0.53 -24.80
C ALA B 423 -7.92 1.81 -25.63
N MET B 424 -7.00 1.94 -26.57
CA MET B 424 -6.96 3.12 -27.45
C MET B 424 -8.16 3.13 -28.40
N LYS B 425 -8.43 1.98 -29.02
CA LYS B 425 -9.53 1.87 -29.95
C LYS B 425 -10.87 2.16 -29.27
N SER B 426 -11.04 1.70 -28.03
CA SER B 426 -12.29 1.87 -27.31
C SER B 426 -12.38 3.22 -26.57
N GLY B 427 -11.30 3.98 -26.59
CA GLY B 427 -11.30 5.33 -26.06
C GLY B 427 -11.13 5.45 -24.56
N VAL B 428 -10.66 4.38 -23.90
CA VAL B 428 -10.42 4.50 -22.47
C VAL B 428 -8.97 4.84 -22.17
N ALA B 429 -8.11 4.71 -23.17
CA ALA B 429 -6.72 5.15 -23.00
C ALA B 429 -6.64 6.65 -22.86
N THR B 430 -5.75 7.13 -22.00
CA THR B 430 -5.51 8.58 -22.00
C THR B 430 -4.13 8.91 -22.55
N ARG B 431 -3.35 7.88 -22.82
CA ARG B 431 -2.02 8.08 -23.38
C ARG B 431 -1.84 7.13 -24.54
N ALA B 432 -1.49 7.67 -25.70
CA ALA B 432 -1.30 6.83 -26.87
C ALA B 432 0.07 6.16 -26.84
N ILE B 433 0.12 4.94 -27.31
CA ILE B 433 1.36 4.26 -27.48
C ILE B 433 1.34 4.04 -28.98
N GLU B 434 2.39 4.49 -29.63
CA GLU B 434 2.53 4.40 -31.09
C GLU B 434 3.00 3.05 -31.55
N ASP B 435 3.93 2.47 -30.82
CA ASP B 435 4.49 1.21 -31.21
C ASP B 435 5.19 0.67 -30.00
N TRP B 436 5.62 -0.58 -30.06
CA TRP B 436 6.24 -1.20 -28.90
C TRP B 436 7.63 -1.05 -28.42
MG MG C . 4.61 16.49 7.55
PA NAP D . -0.38 25.21 10.85
O1A NAP D . -1.09 23.98 11.17
O2A NAP D . -0.92 25.85 9.67
O5B NAP D . -0.54 26.23 11.99
C5B NAP D . -0.36 27.61 11.67
C4B NAP D . -0.37 28.41 12.96
O4B NAP D . 0.28 29.51 12.76
C3B NAP D . -1.79 28.80 13.29
O3B NAP D . -2.05 28.62 14.56
C2B NAP D . -1.83 30.31 12.89
O2B NAP D . -2.84 31.01 13.63
C1B NAP D . -0.65 30.70 13.26
N9A NAP D . -0.25 31.93 12.62
C8A NAP D . -0.39 32.41 11.37
N7A NAP D . 0.21 33.63 11.32
C5A NAP D . 0.71 33.90 12.56
C6A NAP D . 1.41 34.98 13.04
N6A NAP D . 1.87 36.21 12.48
N1A NAP D . 1.80 35.00 14.34
C2A NAP D . 1.51 33.94 15.12
N3A NAP D . 0.81 32.87 14.63
C4A NAP D . 0.42 32.86 13.35
O3 NAP D . 1.11 24.95 10.48
PN NAP D . 2.08 24.00 11.14
O1N NAP D . 2.04 22.72 10.52
O2N NAP D . 1.86 23.94 12.59
O5D NAP D . 3.45 24.65 10.86
C5D NAP D . 3.55 25.95 11.42
C4D NAP D . 4.98 26.55 11.17
O4D NAP D . 5.84 25.86 11.85
C3D NAP D . 5.33 26.37 9.73
O3D NAP D . 6.16 27.35 9.29
C2D NAP D . 6.10 25.06 9.76
O2D NAP D . 6.90 24.95 8.49
C1D NAP D . 6.80 25.15 10.83
N1N NAP D . 7.19 23.89 11.31
C2N NAP D . 8.52 23.57 11.43
C3N NAP D . 8.93 22.32 11.87
C7N NAP D . 10.38 21.92 12.01
O7N NAP D . 11.23 22.57 11.55
N7N NAP D . 10.72 20.72 12.63
C4N NAP D . 7.99 21.39 12.19
C5N NAP D . 6.68 21.70 12.06
C6N NAP D . 6.28 22.94 11.64
P2B NAP D . -4.32 30.82 13.38
O1X NAP D . -4.51 30.67 11.92
O2X NAP D . -5.00 31.95 13.88
O3X NAP D . -4.83 29.66 14.05
MG MG E . -7.72 -15.15 -6.67
PA NAP F . -16.66 -20.15 -5.50
O1A NAP F . -17.02 -18.78 -5.72
O2A NAP F . -16.76 -20.57 -4.13
O5B NAP F . -17.56 -21.14 -6.29
C5B NAP F . -17.87 -22.44 -5.77
C4B NAP F . -18.95 -23.05 -6.66
O4B NAP F . -18.80 -24.34 -6.76
C3B NAP F . -20.34 -22.81 -6.10
O3B NAP F . -21.14 -22.47 -7.06
C2B NAP F . -20.68 -24.20 -5.56
O2B NAP F . -22.11 -24.36 -5.55
C1B NAP F . -20.20 -24.98 -6.47
N9A NAP F . -20.04 -26.30 -5.98
C8A NAP F . -19.63 -26.74 -4.80
N7A NAP F . -19.67 -28.09 -4.81
C5A NAP F . -20.09 -28.48 -6.01
C6A NAP F . -20.29 -29.74 -6.55
N6A NAP F . -20.15 -31.06 -6.08
N1A NAP F . -20.74 -29.84 -7.82
C2A NAP F . -20.97 -28.73 -8.52
N3A NAP F . -20.77 -27.49 -8.00
C4A NAP F . -20.34 -27.38 -6.73
O3 NAP F . -15.17 -20.36 -5.99
PN NAP F . -14.44 -19.96 -7.31
O1N NAP F . -15.41 -19.79 -8.35
O2N NAP F . -13.57 -18.79 -7.12
O5D NAP F . -13.53 -21.19 -7.60
C5D NAP F . -14.14 -22.46 -7.62
C4D NAP F . -13.17 -23.63 -8.06
O4D NAP F . -12.72 -23.39 -9.25
C3D NAP F . -11.98 -23.66 -7.13
O3D NAP F . -11.44 -24.86 -6.92
C2D NAP F . -10.90 -22.94 -7.91
O2D NAP F . -9.62 -23.51 -7.36
C1D NAP F . -11.16 -23.24 -9.13
N1N NAP F . -10.67 -22.23 -9.96
C2N NAP F . -9.64 -22.55 -10.76
C3N NAP F . -9.05 -21.62 -11.54
C7N NAP F . -7.89 -22.05 -12.40
O7N NAP F . -7.43 -23.12 -12.22
N7N NAP F . -7.36 -21.15 -13.33
C4N NAP F . -9.50 -20.34 -11.51
C5N NAP F . -10.53 -20.03 -10.69
C6N NAP F . -11.14 -20.98 -9.95
P2B NAP F . -23.06 -23.53 -4.70
O1X NAP F . -23.03 -22.14 -5.18
O2X NAP F . -24.38 -24.09 -4.82
O3X NAP F . -22.60 -23.55 -3.33
#